data_2G76
#
_entry.id   2G76
#
_cell.length_a   43.084
_cell.length_b   124.113
_cell.length_c   59.502
_cell.angle_alpha   90.00
_cell.angle_beta   100.99
_cell.angle_gamma   90.00
#
_symmetry.space_group_name_H-M   'P 1 21 1'
#
loop_
_entity.id
_entity.type
_entity.pdbx_description
1 polymer 'D-3-phosphoglycerate dehydrogenase'
2 non-polymer D-MALATE
3 non-polymer NICOTINAMIDE-ADENINE-DINUCLEOTIDE
4 water water
#
_entity_poly.entity_id   1
_entity_poly.type   'polypeptide(L)'
_entity_poly.pdbx_seq_one_letter_code
;MHHHHHHSSGVDLGTENLYFQSMANLRKVLISDSLDPCCRKILQDGGLQVVEKQNLSKEELIAELQDCEGLIVRSATKVT
ADVINAAEKLQVVGRAGTGVDNVDLEAATRKGILVMNTPNGNSLSAAELTCGMIMCLARQIPQATASMKDGKWERKKFMG
TELNGKTLGILGLGRIGREVATRMQSFGMKTIGYDPIISPEVSASFGVQQLPLEEIWPLCDFITVHTPLLPSTTGLLNDN
TFAQCKKGVRVVNCARGGIVDEGALLRALQSGQCAGAALDVFTEEPPRDRALVDHENVISCPHLGASTKEAQSRCGEEIA
VQFVDMVKGKSLTGV
;
_entity_poly.pdbx_strand_id   A,B
#
loop_
_chem_comp.id
_chem_comp.type
_chem_comp.name
_chem_comp.formula
MLT non-polymer D-MALATE 'C4 H6 O5'
NAD non-polymer NICOTINAMIDE-ADENINE-DINUCLEOTIDE 'C21 H27 N7 O14 P2'
#
# COMPACT_ATOMS: atom_id res chain seq x y z
N LEU A 26 31.30 32.67 6.87
CA LEU A 26 29.95 32.15 7.26
C LEU A 26 28.90 33.24 6.99
N ARG A 27 28.55 33.46 5.72
CA ARG A 27 27.83 34.67 5.30
C ARG A 27 26.83 34.47 4.17
N LYS A 28 27.26 33.87 3.07
CA LYS A 28 26.38 33.63 1.92
C LYS A 28 26.20 32.11 1.69
N VAL A 29 24.94 31.68 1.57
CA VAL A 29 24.64 30.28 1.22
C VAL A 29 23.86 30.16 -0.09
N LEU A 30 24.38 29.35 -1.01
CA LEU A 30 23.67 29.02 -2.24
C LEU A 30 22.87 27.76 -1.99
N ILE A 31 21.56 27.85 -2.22
CA ILE A 31 20.70 26.65 -2.26
C ILE A 31 20.49 26.30 -3.75
N SER A 32 20.97 25.14 -4.16
CA SER A 32 21.10 24.80 -5.59
C SER A 32 20.06 23.82 -6.12
N ASP A 33 19.27 23.23 -5.22
CA ASP A 33 18.17 22.33 -5.59
C ASP A 33 16.86 22.85 -5.04
N SER A 34 15.76 22.22 -5.45
CA SER A 34 14.42 22.62 -5.02
C SER A 34 14.13 22.11 -3.59
N LEU A 35 14.17 23.01 -2.61
CA LEU A 35 13.93 22.69 -1.20
C LEU A 35 12.68 23.40 -0.68
N ASP A 36 12.19 22.95 0.48
CA ASP A 36 11.07 23.62 1.13
C ASP A 36 11.47 25.07 1.39
N PRO A 37 10.52 26.01 1.24
CA PRO A 37 10.90 27.40 1.44
C PRO A 37 11.35 27.71 2.87
N CYS A 38 11.10 26.81 3.84
CA CYS A 38 11.45 27.11 5.23
C CYS A 38 12.96 27.12 5.46
N CYS A 39 13.70 26.38 4.63
CA CYS A 39 15.14 26.38 4.71
C CYS A 39 15.66 27.82 4.59
N ARG A 40 15.35 28.46 3.45
CA ARG A 40 15.71 29.86 3.22
C ARG A 40 15.36 30.80 4.37
N LYS A 41 14.12 30.73 4.87
CA LYS A 41 13.67 31.65 5.93
C LYS A 41 14.48 31.50 7.21
N ILE A 42 14.74 30.25 7.60
CA ILE A 42 15.54 29.96 8.79
C ILE A 42 16.97 30.47 8.67
N LEU A 43 17.60 30.19 7.53
CA LEU A 43 18.94 30.74 7.25
C LEU A 43 18.89 32.26 7.40
N GLN A 44 17.89 32.87 6.76
CA GLN A 44 17.74 34.31 6.76
C GLN A 44 17.45 34.87 8.16
N ASP A 45 16.68 34.14 8.96
CA ASP A 45 16.45 34.54 10.36
C ASP A 45 17.71 34.39 11.20
N GLY A 46 18.52 33.38 10.89
CA GLY A 46 19.83 33.20 11.53
C GLY A 46 20.81 34.33 11.24
N GLY A 47 20.55 35.07 10.16
CA GLY A 47 21.37 36.19 9.74
C GLY A 47 22.28 35.88 8.56
N LEU A 48 21.82 35.00 7.67
CA LEU A 48 22.59 34.60 6.49
C LEU A 48 21.95 35.13 5.21
N GLN A 49 22.79 35.39 4.21
CA GLN A 49 22.31 35.72 2.87
C GLN A 49 22.07 34.42 2.13
N VAL A 50 20.98 34.37 1.36
CA VAL A 50 20.59 33.15 0.65
C VAL A 50 20.32 33.41 -0.83
N VAL A 51 20.83 32.53 -1.67
CA VAL A 51 20.54 32.53 -3.10
C VAL A 51 19.94 31.18 -3.48
N GLU A 52 18.68 31.18 -3.90
CA GLU A 52 18.06 29.97 -4.44
C GLU A 52 18.14 30.01 -5.97
N LYS A 53 18.94 29.12 -6.53
CA LYS A 53 19.04 28.93 -7.98
C LYS A 53 19.13 27.44 -8.26
N GLN A 54 18.31 26.94 -9.19
CA GLN A 54 18.22 25.50 -9.44
C GLN A 54 18.63 25.15 -10.87
N ASN A 55 18.94 23.86 -11.08
CA ASN A 55 19.23 23.32 -12.43
C ASN A 55 20.53 23.83 -13.07
N LEU A 56 21.51 24.15 -12.23
CA LEU A 56 22.74 24.80 -12.70
C LEU A 56 23.68 23.79 -13.36
N SER A 57 24.37 24.24 -14.41
CA SER A 57 25.44 23.45 -15.01
C SER A 57 26.65 23.46 -14.08
N LYS A 58 27.67 22.70 -14.43
CA LYS A 58 28.91 22.68 -13.64
C LYS A 58 29.50 24.09 -13.55
N GLU A 59 29.73 24.71 -14.70
CA GLU A 59 30.32 26.08 -14.78
C GLU A 59 29.49 27.13 -14.03
N GLU A 60 28.17 27.10 -14.23
CA GLU A 60 27.23 27.96 -13.52
C GLU A 60 27.27 27.78 -12.01
N LEU A 61 27.29 26.53 -11.55
CA LEU A 61 27.39 26.24 -10.12
C LEU A 61 28.67 26.84 -9.51
N ILE A 62 29.79 26.67 -10.21
CA ILE A 62 31.09 27.18 -9.74
C ILE A 62 31.13 28.72 -9.70
N ALA A 63 30.47 29.35 -10.67
CA ALA A 63 30.34 30.82 -10.71
C ALA A 63 29.48 31.38 -9.58
N GLU A 64 28.35 30.73 -9.29
CA GLU A 64 27.48 31.14 -8.18
C GLU A 64 28.16 30.97 -6.83
N LEU A 65 28.93 29.88 -6.71
CA LEU A 65 29.68 29.60 -5.49
C LEU A 65 30.85 30.55 -5.22
N GLN A 66 31.22 31.40 -6.18
CA GLN A 66 32.41 32.27 -6.02
C GLN A 66 32.39 33.11 -4.75
N ASP A 67 31.20 33.61 -4.37
CA ASP A 67 31.02 34.41 -3.16
C ASP A 67 30.36 33.62 -2.01
N CYS A 68 30.27 32.30 -2.15
CA CYS A 68 29.55 31.45 -1.18
C CYS A 68 30.46 30.61 -0.32
N GLU A 69 30.16 30.59 0.98
CA GLU A 69 30.87 29.73 1.92
C GLU A 69 30.02 28.51 2.29
N GLY A 70 28.74 28.53 1.89
CA GLY A 70 27.82 27.43 2.13
C GLY A 70 27.05 27.02 0.87
N LEU A 71 26.85 25.71 0.70
CA LEU A 71 26.03 25.19 -0.38
C LEU A 71 25.06 24.20 0.23
N ILE A 72 23.80 24.30 -0.17
CA ILE A 72 22.76 23.37 0.22
C ILE A 72 22.16 22.70 -1.03
N VAL A 73 22.14 21.37 -1.03
CA VAL A 73 21.63 20.57 -2.13
C VAL A 73 20.59 19.59 -1.60
N ARG A 74 19.81 19.00 -2.51
CA ARG A 74 19.01 17.81 -2.22
C ARG A 74 19.73 16.63 -2.89
N SER A 75 19.26 16.17 -4.04
CA SER A 75 19.90 15.05 -4.76
C SER A 75 20.43 15.38 -6.16
N ALA A 76 19.78 16.32 -6.86
CA ALA A 76 20.10 16.59 -8.27
C ALA A 76 21.47 17.26 -8.47
N THR A 77 21.84 18.16 -7.59
CA THR A 77 23.14 18.84 -7.69
C THR A 77 24.27 17.90 -7.30
N LYS A 78 25.26 17.79 -8.18
CA LYS A 78 26.36 16.86 -7.99
C LYS A 78 27.62 17.58 -7.54
N VAL A 79 27.87 17.51 -6.23
CA VAL A 79 28.98 18.21 -5.60
C VAL A 79 30.23 17.34 -5.74
N THR A 80 30.76 17.32 -6.96
CA THR A 80 31.86 16.46 -7.33
C THR A 80 33.19 17.05 -6.85
N ALA A 81 34.25 16.26 -6.99
CA ALA A 81 35.59 16.73 -6.63
C ALA A 81 35.96 17.99 -7.40
N ASP A 82 35.55 18.07 -8.66
CA ASP A 82 35.83 19.25 -9.47
C ASP A 82 35.17 20.50 -8.89
N VAL A 83 33.91 20.40 -8.49
CA VAL A 83 33.19 21.53 -7.89
C VAL A 83 33.84 21.96 -6.55
N ILE A 84 34.04 21.00 -5.66
CA ILE A 84 34.69 21.24 -4.38
C ILE A 84 36.03 21.99 -4.54
N ASN A 85 36.86 21.53 -5.47
CA ASN A 85 38.21 22.08 -5.67
C ASN A 85 38.24 23.44 -6.37
N ALA A 86 37.20 23.76 -7.13
CA ALA A 86 37.07 25.07 -7.79
C ALA A 86 36.38 26.11 -6.90
N ALA A 87 35.68 25.66 -5.85
CA ALA A 87 34.88 26.54 -5.00
C ALA A 87 35.70 27.06 -3.82
N GLU A 88 36.21 28.28 -3.97
CA GLU A 88 37.29 28.83 -3.12
C GLU A 88 36.91 29.24 -1.69
N LYS A 89 35.73 29.81 -1.52
CA LYS A 89 35.29 30.30 -0.22
C LYS A 89 34.46 29.25 0.51
N LEU A 90 34.18 28.14 -0.17
CA LEU A 90 33.27 27.11 0.32
C LEU A 90 33.81 26.40 1.56
N GLN A 91 33.04 26.46 2.65
CA GLN A 91 33.41 25.87 3.95
C GLN A 91 32.49 24.72 4.39
N VAL A 92 31.21 24.79 4.02
CA VAL A 92 30.28 23.72 4.36
C VAL A 92 29.29 23.42 3.24
N VAL A 93 29.04 22.12 3.05
CA VAL A 93 28.00 21.64 2.16
C VAL A 93 26.93 20.94 2.99
N GLY A 94 25.67 21.32 2.77
CA GLY A 94 24.53 20.63 3.39
C GLY A 94 23.71 19.84 2.38
N ARG A 95 23.34 18.60 2.71
CA ARG A 95 22.44 17.80 1.89
C ARG A 95 21.12 17.65 2.65
N ALA A 96 19.99 17.97 1.99
CA ALA A 96 18.67 17.88 2.61
C ALA A 96 18.09 16.50 2.33
N GLY A 97 18.74 15.51 2.92
CA GLY A 97 18.38 14.10 2.78
C GLY A 97 19.38 13.27 3.55
N THR A 98 19.23 11.96 3.52
CA THR A 98 20.12 11.08 4.25
C THR A 98 21.34 10.69 3.42
N GLY A 99 22.39 10.25 4.07
CA GLY A 99 23.63 9.86 3.36
C GLY A 99 24.26 11.01 2.63
N VAL A 100 25.19 10.71 1.72
CA VAL A 100 25.96 11.77 1.03
C VAL A 100 26.07 11.43 -0.45
N ASP A 101 25.01 10.89 -1.02
CA ASP A 101 25.10 10.24 -2.33
C ASP A 101 25.56 11.16 -3.45
N ASN A 102 25.14 12.41 -3.41
CA ASN A 102 25.56 13.41 -4.40
C ASN A 102 26.66 14.39 -3.94
N VAL A 103 27.39 14.00 -2.89
CA VAL A 103 28.52 14.78 -2.41
C VAL A 103 29.75 13.87 -2.34
N ASP A 104 30.83 14.27 -3.00
CA ASP A 104 32.13 13.58 -2.89
C ASP A 104 32.73 13.94 -1.52
N LEU A 105 32.35 13.15 -0.52
CA LEU A 105 32.75 13.39 0.87
C LEU A 105 34.25 13.24 1.05
N GLU A 106 34.88 12.34 0.29
CA GLU A 106 36.33 12.18 0.35
C GLU A 106 37.00 13.49 -0.07
N ALA A 107 36.62 13.98 -1.24
CA ALA A 107 37.14 15.26 -1.76
C ALA A 107 36.88 16.38 -0.78
N ALA A 108 35.68 16.43 -0.21
CA ALA A 108 35.36 17.51 0.74
C ALA A 108 36.30 17.44 1.96
N THR A 109 36.51 16.24 2.51
CA THR A 109 37.29 16.06 3.75
C THR A 109 38.76 16.45 3.53
N ARG A 110 39.29 16.05 2.38
CA ARG A 110 40.66 16.39 1.99
C ARG A 110 40.89 17.90 1.88
N LYS A 111 39.89 18.65 1.42
CA LYS A 111 40.00 20.11 1.30
C LYS A 111 39.60 20.82 2.59
N GLY A 112 39.02 20.09 3.55
CA GLY A 112 38.69 20.67 4.86
C GLY A 112 37.31 21.30 4.89
N ILE A 113 36.41 20.77 4.08
CA ILE A 113 35.05 21.30 3.98
C ILE A 113 34.12 20.40 4.78
N LEU A 114 33.30 20.99 5.65
CA LEU A 114 32.38 20.19 6.46
C LEU A 114 31.15 19.81 5.64
N VAL A 115 30.71 18.57 5.80
CA VAL A 115 29.49 18.11 5.17
C VAL A 115 28.46 17.73 6.24
N MET A 116 27.23 18.23 6.06
CA MET A 116 26.13 18.01 6.97
C MET A 116 24.95 17.45 6.17
N ASN A 117 24.15 16.60 6.80
CA ASN A 117 22.92 16.11 6.17
C ASN A 117 21.78 16.02 7.20
N THR A 118 20.65 15.44 6.82
CA THR A 118 19.47 15.49 7.66
C THR A 118 18.99 14.07 7.98
N PRO A 119 19.62 13.43 8.98
CA PRO A 119 19.31 12.06 9.31
C PRO A 119 17.94 11.81 9.92
N ASN A 120 17.21 12.83 10.33
CA ASN A 120 15.94 12.58 11.03
C ASN A 120 14.68 12.90 10.22
N GLY A 121 14.75 13.90 9.35
CA GLY A 121 13.57 14.49 8.74
C GLY A 121 12.74 13.60 7.85
N ASN A 122 13.37 12.57 7.28
CA ASN A 122 12.77 11.64 6.29
C ASN A 122 12.28 10.34 6.83
N SER A 123 12.58 10.03 8.08
CA SER A 123 12.34 8.69 8.62
C SER A 123 10.91 8.22 8.50
N LEU A 124 9.96 9.08 8.86
CA LEU A 124 8.58 8.63 8.90
C LEU A 124 8.02 8.45 7.49
N SER A 125 8.37 9.33 6.56
CA SER A 125 7.87 9.15 5.19
C SER A 125 8.46 7.88 4.53
N ALA A 126 9.71 7.56 4.83
CA ALA A 126 10.33 6.37 4.26
C ALA A 126 9.71 5.13 4.88
N ALA A 127 9.49 5.13 6.19
CA ALA A 127 8.80 3.99 6.86
C ALA A 127 7.40 3.77 6.26
N GLU A 128 6.67 4.85 6.04
CA GLU A 128 5.31 4.75 5.47
C GLU A 128 5.33 4.16 4.05
N LEU A 129 6.25 4.62 3.19
CA LEU A 129 6.36 4.06 1.85
C LEU A 129 6.69 2.57 1.91
N THR A 130 7.60 2.19 2.78
CA THR A 130 7.99 0.77 2.91
C THR A 130 6.78 -0.10 3.23
N CYS A 131 5.98 0.37 4.18
CA CYS A 131 4.76 -0.34 4.58
C CYS A 131 3.79 -0.39 3.40
N GLY A 132 3.66 0.72 2.68
CA GLY A 132 2.79 0.72 1.51
C GLY A 132 3.30 -0.32 0.51
N MET A 133 4.61 -0.40 0.33
CA MET A 133 5.21 -1.39 -0.60
CA MET A 133 5.16 -1.38 -0.61
C MET A 133 4.92 -2.83 -0.17
N ILE A 134 4.98 -3.10 1.12
CA ILE A 134 4.64 -4.44 1.63
C ILE A 134 3.19 -4.83 1.25
N MET A 135 2.25 -3.92 1.48
CA MET A 135 0.84 -4.13 1.12
CA MET A 135 0.85 -4.17 1.17
C MET A 135 0.66 -4.32 -0.35
N CYS A 136 1.37 -3.54 -1.14
CA CYS A 136 1.24 -3.62 -2.60
C CYS A 136 1.72 -4.98 -3.10
N LEU A 137 2.79 -5.49 -2.49
CA LEU A 137 3.33 -6.82 -2.83
C LEU A 137 2.39 -7.93 -2.39
N ALA A 138 1.82 -7.79 -1.20
CA ALA A 138 0.86 -8.79 -0.75
C ALA A 138 -0.38 -8.94 -1.63
N ARG A 139 -0.87 -7.82 -2.18
CA ARG A 139 -2.17 -7.79 -2.87
C ARG A 139 -2.16 -7.34 -4.34
N GLN A 140 -0.96 -7.07 -4.85
CA GLN A 140 -0.72 -6.72 -6.25
C GLN A 140 -1.55 -5.52 -6.71
N ILE A 141 -1.67 -4.51 -5.85
CA ILE A 141 -2.50 -3.35 -6.13
C ILE A 141 -2.00 -2.61 -7.40
N PRO A 142 -0.68 -2.35 -7.52
CA PRO A 142 -0.22 -1.67 -8.75
C PRO A 142 -0.55 -2.43 -10.05
N GLN A 143 -0.38 -3.74 -10.04
CA GLN A 143 -0.68 -4.56 -11.20
C GLN A 143 -2.19 -4.60 -11.49
N ALA A 144 -2.98 -4.64 -10.42
CA ALA A 144 -4.43 -4.65 -10.50
C ALA A 144 -4.95 -3.37 -11.12
N THR A 145 -4.41 -2.23 -10.68
CA THR A 145 -4.76 -0.95 -11.27
C THR A 145 -4.39 -0.92 -12.76
N ALA A 146 -3.23 -1.46 -13.12
CA ALA A 146 -2.78 -1.44 -14.50
C ALA A 146 -3.72 -2.29 -15.36
N SER A 147 -4.12 -3.42 -14.81
CA SER A 147 -5.04 -4.31 -15.52
C SER A 147 -6.40 -3.66 -15.76
N MET A 148 -6.95 -3.02 -14.73
CA MET A 148 -8.22 -2.29 -14.83
C MET A 148 -8.14 -1.17 -15.87
N LYS A 149 -7.04 -0.42 -15.85
CA LYS A 149 -6.82 0.67 -16.82
C LYS A 149 -6.68 0.16 -18.26
N ASP A 150 -6.28 -1.10 -18.39
CA ASP A 150 -6.24 -1.77 -19.68
C ASP A 150 -7.59 -2.40 -20.06
N GLY A 151 -8.63 -2.13 -19.26
CA GLY A 151 -9.99 -2.60 -19.55
C GLY A 151 -10.29 -4.04 -19.18
N LYS A 152 -9.47 -4.62 -18.32
CA LYS A 152 -9.60 -6.03 -17.97
C LYS A 152 -10.18 -6.20 -16.56
N TRP A 153 -10.76 -7.39 -16.31
CA TRP A 153 -11.31 -7.78 -15.01
C TRP A 153 -10.78 -9.19 -14.69
N GLU A 154 -9.60 -9.24 -14.08
CA GLU A 154 -8.81 -10.48 -13.95
C GLU A 154 -8.64 -10.86 -12.49
N ARG A 155 -9.68 -11.36 -11.86
CA ARG A 155 -9.58 -11.63 -10.42
C ARG A 155 -8.56 -12.69 -10.08
N LYS A 156 -8.62 -13.84 -10.76
CA LYS A 156 -7.81 -15.00 -10.36
C LYS A 156 -6.32 -14.69 -10.33
N LYS A 157 -5.88 -13.93 -11.33
CA LYS A 157 -4.49 -13.52 -11.47
C LYS A 157 -3.95 -12.80 -10.23
N PHE A 158 -4.82 -12.07 -9.54
CA PHE A 158 -4.37 -11.21 -8.45
C PHE A 158 -4.70 -11.76 -7.07
N MET A 159 -4.88 -13.06 -6.98
CA MET A 159 -5.01 -13.70 -5.68
C MET A 159 -3.75 -13.39 -4.87
N GLY A 160 -3.97 -12.97 -3.64
CA GLY A 160 -2.92 -12.45 -2.78
C GLY A 160 -2.73 -13.20 -1.49
N THR A 161 -2.02 -12.53 -0.59
CA THR A 161 -1.61 -13.03 0.72
C THR A 161 -2.07 -12.10 1.84
N GLU A 162 -2.62 -12.69 2.89
CA GLU A 162 -3.03 -12.01 4.07
C GLU A 162 -1.84 -11.92 4.99
N LEU A 163 -1.58 -10.71 5.50
CA LEU A 163 -0.41 -10.43 6.30
C LEU A 163 -0.45 -11.00 7.71
N ASN A 164 -1.63 -11.09 8.31
CA ASN A 164 -1.76 -11.55 9.66
C ASN A 164 -1.11 -12.92 9.79
N GLY A 165 -0.19 -13.03 10.76
CA GLY A 165 0.52 -14.25 11.05
C GLY A 165 1.80 -14.47 10.27
N LYS A 166 2.01 -13.73 9.19
CA LYS A 166 3.21 -13.82 8.37
C LYS A 166 4.42 -13.19 9.09
N THR A 167 5.62 -13.60 8.68
CA THR A 167 6.86 -13.11 9.30
C THR A 167 7.54 -12.08 8.38
N LEU A 168 7.87 -10.93 8.95
CA LEU A 168 8.58 -9.86 8.26
C LEU A 168 9.99 -9.82 8.86
N GLY A 169 11.01 -9.98 8.02
CA GLY A 169 12.40 -9.81 8.43
C GLY A 169 12.85 -8.39 8.11
N ILE A 170 13.44 -7.71 9.09
CA ILE A 170 13.85 -6.32 9.00
C ILE A 170 15.36 -6.24 9.26
N LEU A 171 16.12 -5.91 8.23
CA LEU A 171 17.59 -5.82 8.32
C LEU A 171 17.94 -4.34 8.41
N GLY A 172 18.42 -3.92 9.57
CA GLY A 172 18.64 -2.51 9.87
C GLY A 172 17.51 -2.07 10.79
N LEU A 173 17.85 -1.84 12.05
CA LEU A 173 16.86 -1.58 13.08
C LEU A 173 17.09 -0.22 13.72
N GLY A 174 17.41 0.75 12.88
CA GLY A 174 17.66 2.12 13.32
C GLY A 174 16.40 2.93 13.17
N ARG A 175 16.50 4.16 12.67
CA ARG A 175 15.37 5.08 12.70
C ARG A 175 14.18 4.51 11.94
N ILE A 176 14.43 4.05 10.72
CA ILE A 176 13.32 3.57 9.86
C ILE A 176 12.89 2.12 10.17
N GLY A 177 13.84 1.23 10.41
CA GLY A 177 13.51 -0.16 10.67
C GLY A 177 12.51 -0.31 11.80
N ARG A 178 12.72 0.41 12.87
CA ARG A 178 11.87 0.29 14.04
C ARG A 178 10.46 0.85 13.79
N GLU A 179 10.36 1.85 12.92
CA GLU A 179 9.06 2.45 12.62
C GLU A 179 8.25 1.54 11.73
N VAL A 180 8.93 0.91 10.77
CA VAL A 180 8.31 -0.13 9.94
C VAL A 180 7.80 -1.29 10.83
N ALA A 181 8.63 -1.69 11.78
CA ALA A 181 8.27 -2.83 12.66
C ALA A 181 6.95 -2.58 13.41
N THR A 182 6.83 -1.41 14.03
CA THR A 182 5.65 -1.17 14.89
C THR A 182 4.36 -1.03 14.09
N ARG A 183 4.47 -0.50 12.88
CA ARG A 183 3.35 -0.42 11.97
C ARG A 183 2.93 -1.80 11.48
N MET A 184 3.89 -2.63 11.06
CA MET A 184 3.51 -3.94 10.53
C MET A 184 3.09 -4.90 11.63
N GLN A 185 3.51 -4.64 12.86
CA GLN A 185 3.04 -5.41 14.01
C GLN A 185 1.55 -5.24 14.21
N SER A 186 1.02 -4.07 13.87
CA SER A 186 -0.42 -3.81 13.99
C SER A 186 -1.24 -4.67 13.03
N PHE A 187 -0.60 -5.18 11.98
CA PHE A 187 -1.23 -6.11 11.06
C PHE A 187 -1.09 -7.55 11.52
N GLY A 188 -0.48 -7.79 12.68
CA GLY A 188 -0.33 -9.15 13.16
C GLY A 188 0.88 -9.86 12.57
N MET A 189 1.78 -9.13 11.91
CA MET A 189 3.05 -9.72 11.44
C MET A 189 3.98 -9.94 12.61
N LYS A 190 4.71 -11.04 12.52
CA LYS A 190 5.82 -11.32 13.39
C LYS A 190 6.98 -10.59 12.77
N THR A 191 7.69 -9.80 13.57
CA THR A 191 8.78 -8.98 13.06
C THR A 191 10.06 -9.50 13.70
N ILE A 192 10.92 -10.06 12.86
CA ILE A 192 12.25 -10.51 13.25
C ILE A 192 13.27 -9.68 12.48
N GLY A 193 14.54 -9.68 12.91
CA GLY A 193 15.51 -8.94 12.17
C GLY A 193 16.90 -9.01 12.74
N TYR A 194 17.74 -8.11 12.25
CA TYR A 194 19.16 -8.11 12.59
C TYR A 194 19.75 -6.72 12.46
N ASP A 195 20.63 -6.36 13.42
CA ASP A 195 21.34 -5.10 13.36
C ASP A 195 22.58 -5.30 14.22
N PRO A 196 23.77 -5.06 13.67
CA PRO A 196 24.99 -5.32 14.45
C PRO A 196 25.22 -4.44 15.66
N ILE A 197 24.53 -3.30 15.76
CA ILE A 197 24.75 -2.36 16.87
C ILE A 197 23.59 -2.24 17.85
N ILE A 198 22.40 -2.71 17.46
CA ILE A 198 21.24 -2.71 18.34
C ILE A 198 21.18 -4.08 19.04
N SER A 199 21.13 -4.05 20.37
CA SER A 199 21.09 -5.27 21.16
C SER A 199 19.73 -5.93 21.03
N PRO A 200 19.68 -7.25 21.20
CA PRO A 200 18.41 -7.97 21.20
C PRO A 200 17.40 -7.46 22.23
N GLU A 201 17.89 -6.97 23.38
CA GLU A 201 17.05 -6.35 24.40
C GLU A 201 16.45 -5.03 23.98
N VAL A 202 17.23 -4.22 23.27
CA VAL A 202 16.68 -2.98 22.77
C VAL A 202 15.66 -3.24 21.67
N SER A 203 15.97 -4.13 20.73
CA SER A 203 15.03 -4.40 19.65
C SER A 203 13.78 -5.07 20.20
N ALA A 204 13.92 -5.83 21.29
CA ALA A 204 12.76 -6.44 21.94
C ALA A 204 11.78 -5.38 22.39
N SER A 205 12.29 -4.23 22.82
CA SER A 205 11.45 -3.15 23.29
C SER A 205 10.55 -2.50 22.23
N PHE A 206 10.90 -2.63 20.95
CA PHE A 206 9.99 -2.25 19.84
C PHE A 206 9.52 -3.48 19.04
N GLY A 207 9.51 -4.62 19.70
CA GLY A 207 8.88 -5.80 19.16
C GLY A 207 9.61 -6.55 18.09
N VAL A 208 10.91 -6.34 17.93
CA VAL A 208 11.67 -7.04 16.90
C VAL A 208 12.61 -8.07 17.53
N GLN A 209 12.40 -9.32 17.15
CA GLN A 209 13.21 -10.42 17.66
C GLN A 209 14.48 -10.57 16.82
N GLN A 210 15.63 -10.34 17.45
CA GLN A 210 16.85 -10.51 16.70
C GLN A 210 17.35 -11.94 16.72
N LEU A 211 17.83 -12.35 15.54
CA LEU A 211 18.41 -13.65 15.35
C LEU A 211 19.56 -13.46 14.36
N PRO A 212 20.46 -14.45 14.28
CA PRO A 212 21.53 -14.42 13.29
C PRO A 212 20.96 -14.45 11.90
N LEU A 213 21.61 -13.78 10.95
CA LEU A 213 21.12 -13.76 9.57
C LEU A 213 20.72 -15.12 9.04
N GLU A 214 21.55 -16.13 9.31
CA GLU A 214 21.31 -17.44 8.71
CA GLU A 214 21.34 -17.49 8.77
C GLU A 214 20.00 -18.04 9.21
N GLU A 215 19.57 -17.67 10.41
CA GLU A 215 18.30 -18.12 10.95
C GLU A 215 17.11 -17.34 10.43
N ILE A 216 17.37 -16.15 9.90
CA ILE A 216 16.32 -15.26 9.39
C ILE A 216 15.78 -15.71 8.04
N TRP A 217 16.67 -15.92 7.07
CA TRP A 217 16.26 -16.20 5.71
C TRP A 217 15.13 -17.24 5.64
N PRO A 218 15.30 -18.42 6.27
CA PRO A 218 14.26 -19.46 6.15
C PRO A 218 12.91 -19.11 6.78
N LEU A 219 12.87 -18.11 7.67
CA LEU A 219 11.64 -17.79 8.40
C LEU A 219 10.75 -16.77 7.70
N CYS A 220 11.29 -16.02 6.74
CA CYS A 220 10.61 -14.82 6.27
C CYS A 220 9.65 -15.02 5.12
N ASP A 221 8.48 -14.40 5.23
CA ASP A 221 7.56 -14.30 4.12
C ASP A 221 7.88 -12.99 3.37
N PHE A 222 8.28 -11.97 4.11
CA PHE A 222 8.69 -10.68 3.55
C PHE A 222 10.02 -10.27 4.16
N ILE A 223 10.88 -9.64 3.36
CA ILE A 223 12.14 -9.09 3.87
C ILE A 223 12.26 -7.65 3.42
N THR A 224 12.64 -6.77 4.35
CA THR A 224 12.81 -5.37 4.03
C THR A 224 14.16 -4.90 4.60
N VAL A 225 14.88 -4.04 3.84
CA VAL A 225 16.19 -3.56 4.25
C VAL A 225 16.18 -2.07 4.58
N HIS A 226 16.82 -1.73 5.71
CA HIS A 226 16.88 -0.36 6.18
C HIS A 226 18.25 -0.06 6.77
N THR A 227 19.28 -0.39 5.99
CA THR A 227 20.68 -0.13 6.34
C THR A 227 21.25 1.01 5.49
N PRO A 228 22.37 1.62 5.92
CA PRO A 228 23.16 2.40 4.99
C PRO A 228 23.75 1.48 3.93
N LEU A 229 24.27 2.07 2.87
CA LEU A 229 25.03 1.33 1.88
C LEU A 229 26.51 1.38 2.29
N LEU A 230 27.05 0.20 2.64
CA LEU A 230 28.39 0.02 3.16
C LEU A 230 28.97 -1.26 2.53
N PRO A 231 30.28 -1.46 2.65
CA PRO A 231 30.80 -2.77 2.27
C PRO A 231 30.08 -3.95 2.91
N SER A 232 29.73 -3.83 4.19
CA SER A 232 29.04 -4.87 4.91
C SER A 232 27.60 -5.10 4.39
N THR A 233 27.04 -4.10 3.69
CA THR A 233 25.65 -4.19 3.22
C THR A 233 25.44 -4.25 1.71
N THR A 234 26.49 -4.14 0.91
CA THR A 234 26.34 -4.20 -0.54
C THR A 234 26.14 -5.68 -0.88
N GLY A 235 25.00 -6.01 -1.48
CA GLY A 235 24.70 -7.40 -1.81
C GLY A 235 24.41 -8.23 -0.57
N LEU A 236 23.84 -7.59 0.44
CA LEU A 236 23.38 -8.26 1.66
C LEU A 236 22.41 -9.39 1.32
N LEU A 237 21.48 -9.11 0.40
CA LEU A 237 20.74 -10.15 -0.32
C LEU A 237 21.41 -10.43 -1.66
N ASN A 238 21.68 -11.70 -1.93
CA ASN A 238 22.45 -12.10 -3.08
C ASN A 238 22.01 -13.52 -3.45
N ASP A 239 22.65 -14.13 -4.45
CA ASP A 239 22.18 -15.45 -4.93
C ASP A 239 22.14 -16.51 -3.83
N ASN A 240 23.12 -16.43 -2.92
CA ASN A 240 23.21 -17.40 -1.83
C ASN A 240 22.14 -17.21 -0.78
N THR A 241 21.80 -15.98 -0.44
CA THR A 241 20.78 -15.75 0.59
C THR A 241 19.39 -16.04 0.02
N PHE A 242 19.19 -15.73 -1.27
CA PHE A 242 17.92 -16.12 -1.91
C PHE A 242 17.69 -17.62 -1.87
N ALA A 243 18.75 -18.41 -1.99
CA ALA A 243 18.61 -19.88 -1.97
C ALA A 243 18.28 -20.40 -0.56
N GLN A 244 18.53 -19.59 0.46
CA GLN A 244 18.21 -19.92 1.85
C GLN A 244 16.80 -19.47 2.27
N CYS A 245 16.16 -18.65 1.43
CA CYS A 245 14.84 -18.09 1.72
C CYS A 245 13.75 -19.09 1.37
N LYS A 246 12.54 -18.85 1.88
CA LYS A 246 11.36 -19.60 1.45
C LYS A 246 11.11 -19.35 -0.02
N LYS A 247 10.67 -20.40 -0.72
CA LYS A 247 10.12 -20.25 -2.05
C LYS A 247 8.97 -19.23 -1.98
N GLY A 248 9.09 -18.15 -2.72
CA GLY A 248 8.01 -17.20 -2.84
C GLY A 248 8.16 -16.01 -1.93
N VAL A 249 9.36 -15.79 -1.40
CA VAL A 249 9.62 -14.69 -0.49
C VAL A 249 9.38 -13.40 -1.28
N ARG A 250 8.94 -12.35 -0.59
CA ARG A 250 8.77 -11.03 -1.18
C ARG A 250 9.75 -10.05 -0.53
N VAL A 251 10.39 -9.21 -1.35
CA VAL A 251 11.48 -8.36 -0.88
C VAL A 251 11.21 -6.86 -1.15
N VAL A 252 11.52 -6.04 -0.16
CA VAL A 252 11.41 -4.58 -0.28
C VAL A 252 12.78 -3.91 -0.07
N ASN A 253 13.14 -3.02 -1.00
CA ASN A 253 14.28 -2.14 -0.82
C ASN A 253 13.91 -0.64 -1.04
N CYS A 254 13.64 0.06 0.05
CA CYS A 254 13.44 1.50 0.06
C CYS A 254 14.60 2.13 0.80
N ALA A 255 15.80 1.56 0.76
CA ALA A 255 16.94 2.09 1.52
C ALA A 255 17.91 2.70 0.51
N ARG A 256 18.79 1.87 -0.04
CA ARG A 256 19.75 2.28 -1.05
C ARG A 256 19.92 1.16 -2.09
N GLY A 257 20.10 1.57 -3.35
CA GLY A 257 20.29 0.60 -4.41
C GLY A 257 21.62 -0.12 -4.22
N GLY A 258 21.59 -1.42 -4.44
CA GLY A 258 22.76 -2.26 -4.27
C GLY A 258 22.79 -3.07 -2.97
N ILE A 259 21.91 -2.76 -2.02
CA ILE A 259 21.84 -3.60 -0.80
C ILE A 259 21.28 -4.98 -1.16
N VAL A 260 20.25 -5.00 -2.01
CA VAL A 260 19.81 -6.23 -2.64
C VAL A 260 20.53 -6.26 -3.99
N ASP A 261 21.37 -7.27 -4.21
CA ASP A 261 22.00 -7.44 -5.52
C ASP A 261 20.94 -7.56 -6.62
N GLU A 262 21.03 -6.65 -7.59
CA GLU A 262 20.00 -6.55 -8.61
C GLU A 262 20.01 -7.74 -9.55
N GLY A 263 21.19 -8.21 -9.98
CA GLY A 263 21.24 -9.45 -10.77
C GLY A 263 20.67 -10.65 -10.05
N ALA A 264 21.03 -10.82 -8.79
CA ALA A 264 20.50 -11.93 -7.99
C ALA A 264 18.98 -11.87 -7.84
N LEU A 265 18.47 -10.66 -7.62
CA LEU A 265 17.03 -10.46 -7.47
C LEU A 265 16.30 -10.82 -8.75
N LEU A 266 16.83 -10.38 -9.90
CA LEU A 266 16.20 -10.74 -11.17
C LEU A 266 16.20 -12.24 -11.35
N ARG A 267 17.32 -12.89 -11.09
CA ARG A 267 17.37 -14.33 -11.21
C ARG A 267 16.35 -15.02 -10.29
N ALA A 268 16.22 -14.52 -9.06
CA ALA A 268 15.24 -15.06 -8.10
C ALA A 268 13.79 -14.83 -8.55
N LEU A 269 13.50 -13.65 -9.10
CA LEU A 269 12.18 -13.39 -9.68
C LEU A 269 11.92 -14.32 -10.86
N GLN A 270 12.95 -14.56 -11.67
CA GLN A 270 12.79 -15.39 -12.88
C GLN A 270 12.53 -16.86 -12.57
N SER A 271 13.09 -17.35 -11.47
CA SER A 271 12.90 -18.75 -11.11
C SER A 271 11.69 -18.97 -10.21
N GLY A 272 11.19 -17.90 -9.62
CA GLY A 272 10.08 -17.98 -8.68
C GLY A 272 10.51 -18.10 -7.23
N GLN A 273 11.82 -18.14 -6.96
CA GLN A 273 12.32 -18.15 -5.57
C GLN A 273 11.84 -16.90 -4.85
N CYS A 274 11.82 -15.77 -5.57
CA CYS A 274 11.19 -14.54 -5.11
C CYS A 274 9.88 -14.30 -5.89
N ALA A 275 8.76 -14.21 -5.17
CA ALA A 275 7.42 -14.01 -5.75
C ALA A 275 7.20 -12.56 -6.23
N GLY A 276 7.95 -11.63 -5.65
CA GLY A 276 7.87 -10.22 -5.98
C GLY A 276 8.80 -9.31 -5.20
N ALA A 277 9.04 -8.11 -5.74
CA ALA A 277 9.89 -7.17 -5.06
C ALA A 277 9.38 -5.78 -5.28
N ALA A 278 9.65 -4.90 -4.34
CA ALA A 278 9.29 -3.51 -4.44
C ALA A 278 10.57 -2.71 -4.25
N LEU A 279 10.86 -1.87 -5.23
CA LEU A 279 12.12 -1.10 -5.28
C LEU A 279 11.89 0.38 -5.48
N ASP A 280 12.32 1.17 -4.48
CA ASP A 280 12.33 2.65 -4.53
C ASP A 280 13.68 3.18 -4.98
N VAL A 281 14.69 2.29 -5.02
CA VAL A 281 16.10 2.69 -5.12
C VAL A 281 16.84 1.65 -5.95
N PHE A 282 17.85 2.14 -6.68
CA PHE A 282 18.57 1.39 -7.69
C PHE A 282 20.05 1.79 -7.67
N THR A 283 20.92 0.89 -8.12
CA THR A 283 22.35 1.17 -8.16
C THR A 283 22.67 2.33 -9.10
N GLU A 284 21.84 2.51 -10.12
CA GLU A 284 21.89 3.68 -11.00
C GLU A 284 20.52 4.32 -11.02
N GLU A 285 20.47 5.64 -10.81
CA GLU A 285 19.21 6.39 -10.76
C GLU A 285 19.22 7.61 -11.68
N PRO A 286 18.33 7.61 -12.69
CA PRO A 286 17.40 6.55 -13.09
C PRO A 286 18.14 5.36 -13.65
N PRO A 287 17.59 4.16 -13.47
CA PRO A 287 18.31 2.99 -13.94
C PRO A 287 18.27 2.79 -15.43
N ARG A 288 19.44 2.53 -16.03
CA ARG A 288 19.51 2.27 -17.47
C ARG A 288 19.10 0.83 -17.78
N ASP A 289 19.41 -0.10 -16.88
CA ASP A 289 18.98 -1.50 -17.05
C ASP A 289 17.51 -1.59 -16.64
N ARG A 290 16.68 -2.10 -17.54
CA ARG A 290 15.24 -2.05 -17.29
C ARG A 290 14.62 -3.39 -16.90
N ALA A 291 15.44 -4.44 -16.81
CA ALA A 291 14.90 -5.78 -16.60
C ALA A 291 14.08 -5.96 -15.31
N LEU A 292 14.57 -5.44 -14.19
CA LEU A 292 13.78 -5.50 -12.96
C LEU A 292 12.52 -4.66 -13.04
N VAL A 293 12.62 -3.39 -13.45
CA VAL A 293 11.43 -2.52 -13.48
C VAL A 293 10.36 -3.13 -14.39
N ASP A 294 10.80 -3.76 -15.46
CA ASP A 294 9.90 -4.34 -16.46
C ASP A 294 9.25 -5.65 -16.02
N HIS A 295 9.78 -6.28 -14.97
CA HIS A 295 9.27 -7.58 -14.56
C HIS A 295 7.88 -7.38 -13.96
N GLU A 296 6.95 -8.28 -14.27
CA GLU A 296 5.55 -8.09 -13.87
C GLU A 296 5.37 -8.14 -12.36
N ASN A 297 6.27 -8.83 -11.67
CA ASN A 297 6.25 -8.99 -10.22
C ASN A 297 7.05 -7.97 -9.45
N VAL A 298 7.50 -6.93 -10.14
CA VAL A 298 8.25 -5.89 -9.50
C VAL A 298 7.43 -4.60 -9.51
N ILE A 299 7.30 -3.99 -8.34
CA ILE A 299 6.68 -2.68 -8.22
C ILE A 299 7.80 -1.70 -7.89
N SER A 300 7.64 -0.45 -8.33
CA SER A 300 8.76 0.48 -8.26
C SER A 300 8.30 1.90 -8.17
N CYS A 301 9.19 2.73 -7.67
CA CYS A 301 8.98 4.18 -7.56
CA CYS A 301 8.96 4.16 -7.71
C CYS A 301 10.28 4.89 -7.87
N PRO A 302 10.23 6.13 -8.37
CA PRO A 302 11.46 6.91 -8.62
C PRO A 302 12.05 7.57 -7.37
N HIS A 303 12.46 6.74 -6.41
CA HIS A 303 13.13 7.20 -5.17
C HIS A 303 12.28 8.28 -4.48
N LEU A 304 11.08 7.84 -4.08
CA LEU A 304 10.07 8.71 -3.47
C LEU A 304 9.99 8.56 -1.97
N GLY A 305 10.89 7.79 -1.37
CA GLY A 305 10.82 7.54 0.08
C GLY A 305 10.73 8.82 0.93
N ALA A 306 11.35 9.90 0.47
CA ALA A 306 11.35 11.17 1.19
C ALA A 306 10.43 12.23 0.54
N SER A 307 9.66 11.80 -0.45
CA SER A 307 8.97 12.70 -1.31
C SER A 307 7.56 12.96 -0.80
N THR A 308 7.50 13.60 0.36
CA THR A 308 6.25 14.14 0.89
C THR A 308 6.47 15.58 1.30
N LYS A 309 5.40 16.35 1.34
CA LYS A 309 5.48 17.75 1.76
C LYS A 309 6.08 17.84 3.15
N GLU A 310 5.65 16.93 4.02
CA GLU A 310 6.04 16.97 5.43
C GLU A 310 7.55 16.67 5.62
N ALA A 311 8.02 15.61 5.00
CA ALA A 311 9.44 15.24 5.02
C ALA A 311 10.33 16.34 4.47
N GLN A 312 9.95 16.89 3.32
CA GLN A 312 10.75 17.96 2.71
C GLN A 312 10.79 19.21 3.57
N SER A 313 9.67 19.55 4.22
CA SER A 313 9.67 20.62 5.22
C SER A 313 10.64 20.33 6.35
N ARG A 314 10.53 19.15 6.94
CA ARG A 314 11.40 18.79 8.08
C ARG A 314 12.88 18.81 7.72
N CYS A 315 13.22 18.24 6.58
CA CYS A 315 14.61 18.24 6.11
C CYS A 315 15.13 19.64 5.84
N GLY A 316 14.30 20.49 5.24
CA GLY A 316 14.68 21.88 4.96
C GLY A 316 15.00 22.63 6.23
N GLU A 317 14.13 22.48 7.23
CA GLU A 317 14.38 23.00 8.58
C GLU A 317 15.66 22.42 9.22
N GLU A 318 15.76 21.09 9.23
CA GLU A 318 16.86 20.37 9.87
C GLU A 318 18.24 20.83 9.37
N ILE A 319 18.38 21.09 8.07
CA ILE A 319 19.69 21.48 7.52
C ILE A 319 19.94 22.96 7.71
N ALA A 320 18.93 23.82 7.57
CA ALA A 320 19.15 25.26 7.81
C ALA A 320 19.52 25.50 9.26
N VAL A 321 18.91 24.76 10.18
CA VAL A 321 19.14 24.93 11.63
C VAL A 321 20.58 24.61 12.05
N GLN A 322 21.18 23.59 11.44
CA GLN A 322 22.59 23.27 11.64
C GLN A 322 23.50 24.41 11.16
N PHE A 323 23.21 24.92 9.97
CA PHE A 323 23.95 26.05 9.41
C PHE A 323 23.90 27.27 10.34
N VAL A 324 22.77 27.48 11.02
CA VAL A 324 22.61 28.69 11.85
C VAL A 324 23.36 28.56 13.18
N ASP A 325 23.29 27.36 13.78
CA ASP A 325 24.08 27.03 14.96
C ASP A 325 25.57 27.16 14.63
N MET A 326 25.94 26.84 13.39
CA MET A 326 27.29 27.06 12.90
C MET A 326 27.72 28.52 13.04
N VAL A 327 26.77 29.44 12.83
CA VAL A 327 26.95 30.83 13.22
C VAL A 327 26.73 30.96 14.72
N ARG B 27 -27.69 -34.87 0.36
CA ARG B 27 -27.89 -34.68 -1.11
C ARG B 27 -26.53 -34.41 -1.92
N LYS B 28 -26.75 -33.82 -3.14
CA LYS B 28 -25.67 -33.55 -4.08
C LYS B 28 -25.52 -32.04 -4.29
N VAL B 29 -24.30 -31.54 -4.15
CA VAL B 29 -23.98 -30.10 -4.26
C VAL B 29 -23.09 -29.79 -5.47
N LEU B 30 -23.45 -28.74 -6.20
CA LEU B 30 -22.60 -28.24 -7.28
C LEU B 30 -21.89 -26.98 -6.83
N ILE B 31 -20.56 -26.99 -6.96
CA ILE B 31 -19.77 -25.79 -6.78
C ILE B 31 -19.49 -25.24 -8.19
N SER B 32 -20.09 -24.11 -8.53
CA SER B 32 -20.06 -23.56 -9.89
C SER B 32 -19.01 -22.45 -10.07
N ASP B 33 -18.36 -22.03 -8.98
CA ASP B 33 -17.26 -21.09 -9.07
C ASP B 33 -15.99 -21.64 -8.41
N SER B 34 -14.90 -20.91 -8.56
CA SER B 34 -13.61 -21.34 -8.05
C SER B 34 -13.54 -21.09 -6.54
N LEU B 35 -13.52 -22.16 -5.76
CA LEU B 35 -13.39 -22.07 -4.30
C LEU B 35 -12.15 -22.80 -3.82
N ASP B 36 -11.72 -22.49 -2.60
CA ASP B 36 -10.67 -23.26 -1.97
C ASP B 36 -11.10 -24.74 -1.95
N PRO B 37 -10.19 -25.69 -2.23
CA PRO B 37 -10.53 -27.13 -2.20
C PRO B 37 -11.05 -27.70 -0.86
N CYS B 38 -10.89 -26.98 0.25
CA CYS B 38 -11.39 -27.42 1.56
CA CYS B 38 -11.38 -27.50 1.52
C CYS B 38 -12.92 -27.43 1.62
N CYS B 39 -13.55 -26.59 0.80
CA CYS B 39 -15.02 -26.58 0.73
C CYS B 39 -15.47 -27.97 0.34
N ARG B 40 -14.99 -28.41 -0.83
CA ARG B 40 -15.23 -29.77 -1.32
C ARG B 40 -14.94 -30.86 -0.27
N LYS B 41 -13.81 -30.75 0.42
CA LYS B 41 -13.41 -31.79 1.40
C LYS B 41 -14.39 -31.94 2.55
N ILE B 42 -14.80 -30.81 3.10
CA ILE B 42 -15.71 -30.76 4.25
C ILE B 42 -17.07 -31.34 3.86
N LEU B 43 -17.55 -31.01 2.66
CA LEU B 43 -18.83 -31.56 2.14
C LEU B 43 -18.85 -33.06 2.00
N GLN B 44 -17.79 -33.61 1.41
CA GLN B 44 -17.68 -35.06 1.21
C GLN B 44 -17.52 -35.80 2.53
N ASP B 45 -16.71 -35.24 3.42
CA ASP B 45 -16.58 -35.71 4.81
C ASP B 45 -17.93 -35.80 5.51
N GLY B 46 -18.87 -34.94 5.11
CA GLY B 46 -20.23 -34.97 5.61
C GLY B 46 -21.12 -35.90 4.80
N GLY B 47 -20.56 -36.57 3.79
CA GLY B 47 -21.27 -37.61 3.03
C GLY B 47 -21.99 -37.14 1.77
N LEU B 48 -21.62 -35.96 1.26
CA LEU B 48 -22.30 -35.36 0.10
C LEU B 48 -21.55 -35.57 -1.21
N GLN B 49 -22.33 -35.83 -2.27
CA GLN B 49 -21.78 -35.81 -3.63
C GLN B 49 -21.47 -34.36 -3.99
N VAL B 50 -20.31 -34.11 -4.58
CA VAL B 50 -19.96 -32.78 -5.07
C VAL B 50 -19.61 -32.84 -6.55
N VAL B 51 -20.01 -31.80 -7.27
CA VAL B 51 -19.57 -31.58 -8.64
C VAL B 51 -19.00 -30.17 -8.66
N GLU B 52 -17.72 -30.07 -9.04
CA GLU B 52 -17.00 -28.79 -9.02
C GLU B 52 -16.69 -28.44 -10.47
N LYS B 53 -17.30 -27.37 -10.95
CA LYS B 53 -17.35 -27.05 -12.38
C LYS B 53 -17.51 -25.56 -12.61
N GLN B 54 -16.39 -24.88 -12.85
CA GLN B 54 -16.36 -23.44 -13.03
C GLN B 54 -16.76 -23.00 -14.44
N ASN B 55 -17.08 -21.71 -14.60
CA ASN B 55 -17.32 -21.07 -15.90
C ASN B 55 -18.42 -21.71 -16.76
N LEU B 56 -19.48 -22.17 -16.10
CA LEU B 56 -20.64 -22.75 -16.80
C LEU B 56 -21.45 -21.66 -17.47
N SER B 57 -21.92 -21.94 -18.68
CA SER B 57 -22.92 -21.09 -19.32
C SER B 57 -24.22 -21.19 -18.52
N LYS B 58 -25.17 -20.30 -18.80
CA LYS B 58 -26.49 -20.33 -18.16
C LYS B 58 -27.17 -21.67 -18.41
N GLU B 59 -27.06 -22.15 -19.64
CA GLU B 59 -27.65 -23.43 -20.01
C GLU B 59 -26.90 -24.61 -19.37
N GLU B 60 -25.58 -24.52 -19.28
CA GLU B 60 -24.79 -25.58 -18.66
C GLU B 60 -25.11 -25.69 -17.18
N LEU B 61 -25.27 -24.54 -16.53
CA LEU B 61 -25.55 -24.47 -15.10
C LEU B 61 -26.88 -25.12 -14.75
N ILE B 62 -27.92 -24.78 -15.51
CA ILE B 62 -29.26 -25.34 -15.33
C ILE B 62 -29.24 -26.87 -15.49
N ALA B 63 -28.54 -27.33 -16.52
CA ALA B 63 -28.41 -28.75 -16.82
C ALA B 63 -27.81 -29.54 -15.65
N GLU B 64 -26.69 -29.05 -15.14
CA GLU B 64 -26.01 -29.66 -13.99
C GLU B 64 -26.89 -29.73 -12.74
N LEU B 65 -27.51 -28.61 -12.44
CA LEU B 65 -28.31 -28.43 -11.22
C LEU B 65 -29.55 -29.30 -11.07
N GLN B 66 -30.04 -29.90 -12.16
CA GLN B 66 -31.31 -30.63 -12.13
C GLN B 66 -31.24 -31.95 -11.34
N ASP B 67 -30.02 -32.37 -11.02
CA ASP B 67 -29.78 -33.52 -10.16
C ASP B 67 -29.23 -33.05 -8.79
N CYS B 68 -29.30 -31.73 -8.52
CA CYS B 68 -28.66 -31.12 -7.33
C CYS B 68 -29.62 -30.36 -6.40
N GLU B 69 -29.48 -30.61 -5.09
CA GLU B 69 -30.25 -29.86 -4.08
C GLU B 69 -29.48 -28.69 -3.46
N GLY B 70 -28.15 -28.68 -3.64
CA GLY B 70 -27.29 -27.60 -3.17
C GLY B 70 -26.55 -26.97 -4.33
N LEU B 71 -26.34 -25.66 -4.25
CA LEU B 71 -25.46 -24.92 -5.16
C LEU B 71 -24.57 -24.03 -4.32
N ILE B 72 -23.27 -24.02 -4.62
CA ILE B 72 -22.35 -23.12 -3.94
C ILE B 72 -21.62 -22.21 -4.93
N VAL B 73 -21.74 -20.89 -4.72
CA VAL B 73 -21.14 -19.89 -5.59
C VAL B 73 -20.18 -18.96 -4.84
N ARG B 74 -19.39 -18.21 -5.61
CA ARG B 74 -18.62 -17.12 -5.06
C ARG B 74 -19.33 -15.89 -5.63
N SER B 75 -18.77 -15.21 -6.64
CA SER B 75 -19.42 -14.03 -7.23
C SER B 75 -19.72 -14.15 -8.72
N ALA B 76 -19.02 -15.04 -9.42
CA ALA B 76 -19.16 -15.19 -10.88
C ALA B 76 -20.51 -15.75 -11.38
N THR B 77 -21.04 -16.74 -10.68
CA THR B 77 -22.25 -17.41 -11.10
C THR B 77 -23.40 -16.52 -10.72
N LYS B 78 -24.32 -16.30 -11.65
CA LYS B 78 -25.46 -15.44 -11.37
C LYS B 78 -26.68 -16.30 -11.17
N VAL B 79 -27.10 -16.42 -9.91
CA VAL B 79 -28.24 -17.23 -9.52
C VAL B 79 -29.47 -16.35 -9.69
N THR B 80 -29.92 -16.25 -10.93
CA THR B 80 -31.06 -15.45 -11.29
C THR B 80 -32.34 -16.25 -11.07
N ALA B 81 -33.48 -15.56 -11.10
CA ALA B 81 -34.79 -16.20 -10.93
C ALA B 81 -35.01 -17.30 -11.96
N ASP B 82 -34.53 -17.08 -13.18
CA ASP B 82 -34.66 -18.08 -14.25
C ASP B 82 -33.89 -19.36 -13.90
N VAL B 83 -32.70 -19.22 -13.33
CA VAL B 83 -31.94 -20.41 -12.91
C VAL B 83 -32.68 -21.14 -11.80
N ILE B 84 -33.09 -20.37 -10.79
CA ILE B 84 -33.82 -20.89 -9.64
C ILE B 84 -35.10 -21.59 -10.05
N ASN B 85 -35.88 -20.96 -10.94
CA ASN B 85 -37.13 -21.55 -11.41
C ASN B 85 -36.93 -22.85 -12.21
N ALA B 86 -35.86 -22.88 -13.01
CA ALA B 86 -35.51 -24.08 -13.78
C ALA B 86 -34.86 -25.16 -12.90
N ALA B 87 -34.35 -24.77 -11.73
CA ALA B 87 -33.68 -25.71 -10.84
C ALA B 87 -34.68 -26.32 -9.85
N GLU B 88 -35.57 -27.14 -10.36
CA GLU B 88 -36.71 -27.63 -9.56
C GLU B 88 -36.34 -28.42 -8.30
N LYS B 89 -35.20 -29.11 -8.31
CA LYS B 89 -34.78 -29.89 -7.15
C LYS B 89 -33.92 -29.07 -6.15
N LEU B 90 -33.53 -27.85 -6.52
CA LEU B 90 -32.66 -27.03 -5.65
C LEU B 90 -33.31 -26.73 -4.29
N GLN B 91 -32.50 -26.67 -3.23
CA GLN B 91 -33.01 -26.46 -1.86
C GLN B 91 -32.22 -25.43 -1.04
N VAL B 92 -30.94 -25.31 -1.33
CA VAL B 92 -30.08 -24.35 -0.64
C VAL B 92 -29.04 -23.77 -1.60
N VAL B 93 -28.82 -22.47 -1.54
CA VAL B 93 -27.78 -21.83 -2.30
C VAL B 93 -26.84 -21.22 -1.27
N GLY B 94 -25.55 -21.53 -1.38
CA GLY B 94 -24.54 -20.89 -0.51
C GLY B 94 -23.62 -20.03 -1.32
N ARG B 95 -23.32 -18.85 -0.78
CA ARG B 95 -22.37 -17.92 -1.37
C ARG B 95 -21.17 -17.86 -0.43
N ALA B 96 -19.96 -18.03 -0.98
CA ALA B 96 -18.74 -18.00 -0.20
C ALA B 96 -18.19 -16.59 -0.16
N GLY B 97 -18.95 -15.69 0.46
CA GLY B 97 -18.64 -14.27 0.56
C GLY B 97 -19.76 -13.59 1.34
N THR B 98 -19.63 -12.27 1.50
CA THR B 98 -20.59 -11.45 2.26
C THR B 98 -21.76 -11.07 1.34
N GLY B 99 -22.92 -10.81 1.93
CA GLY B 99 -24.08 -10.37 1.17
C GLY B 99 -24.64 -11.45 0.28
N VAL B 100 -25.53 -11.05 -0.63
CA VAL B 100 -26.15 -11.98 -1.57
C VAL B 100 -26.19 -11.39 -2.98
N ASP B 101 -25.16 -10.63 -3.32
CA ASP B 101 -25.15 -9.79 -4.51
C ASP B 101 -25.45 -10.50 -5.83
N ASN B 102 -25.03 -11.76 -5.92
CA ASN B 102 -25.27 -12.59 -7.12
C ASN B 102 -26.33 -13.69 -6.93
N VAL B 103 -27.18 -13.57 -5.90
CA VAL B 103 -28.32 -14.46 -5.72
C VAL B 103 -29.56 -13.60 -5.67
N ASP B 104 -30.58 -14.00 -6.44
CA ASP B 104 -31.88 -13.35 -6.37
C ASP B 104 -32.56 -13.91 -5.12
N LEU B 105 -32.34 -13.25 -3.98
CA LEU B 105 -32.86 -13.74 -2.70
C LEU B 105 -34.38 -13.78 -2.69
N GLU B 106 -35.02 -12.85 -3.40
CA GLU B 106 -36.50 -12.80 -3.49
C GLU B 106 -37.08 -14.00 -4.25
N ALA B 107 -36.42 -14.38 -5.34
CA ALA B 107 -36.84 -15.55 -6.11
C ALA B 107 -36.62 -16.85 -5.32
N ALA B 108 -35.49 -16.93 -4.64
CA ALA B 108 -35.17 -18.09 -3.81
C ALA B 108 -36.17 -18.28 -2.68
N THR B 109 -36.56 -17.17 -2.05
CA THR B 109 -37.51 -17.22 -0.94
C THR B 109 -38.91 -17.58 -1.42
N ARG B 110 -39.27 -17.12 -2.61
CA ARG B 110 -40.57 -17.46 -3.22
C ARG B 110 -40.71 -18.97 -3.41
N LYS B 111 -39.63 -19.62 -3.83
CA LYS B 111 -39.55 -21.08 -3.77
C LYS B 111 -39.04 -21.45 -2.37
N GLY B 112 -38.86 -22.73 -2.09
CA GLY B 112 -38.53 -23.14 -0.73
C GLY B 112 -37.07 -23.10 -0.38
N ILE B 113 -36.31 -22.14 -0.95
CA ILE B 113 -34.83 -22.24 -1.04
C ILE B 113 -34.08 -21.37 -0.03
N LEU B 114 -33.30 -22.04 0.81
CA LEU B 114 -32.45 -21.39 1.81
C LEU B 114 -31.21 -20.77 1.15
N VAL B 115 -30.87 -19.54 1.54
CA VAL B 115 -29.65 -18.89 1.07
C VAL B 115 -28.73 -18.59 2.28
N MET B 116 -27.49 -19.04 2.20
CA MET B 116 -26.52 -18.91 3.28
C MET B 116 -25.26 -18.25 2.74
N ASN B 117 -24.49 -17.64 3.63
CA ASN B 117 -23.27 -16.93 3.22
C ASN B 117 -22.24 -16.94 4.34
N THR B 118 -21.16 -16.16 4.18
CA THR B 118 -19.99 -16.28 5.05
C THR B 118 -19.58 -14.89 5.50
N PRO B 119 -20.25 -14.34 6.54
CA PRO B 119 -19.95 -12.96 6.94
C PRO B 119 -18.66 -12.72 7.72
N ASN B 120 -17.98 -13.79 8.13
CA ASN B 120 -16.78 -13.68 8.94
C ASN B 120 -15.45 -13.96 8.25
N GLY B 121 -15.44 -14.86 7.27
CA GLY B 121 -14.21 -15.41 6.75
C GLY B 121 -13.30 -14.45 6.03
N ASN B 122 -13.85 -13.41 5.44
CA ASN B 122 -12.99 -12.54 4.63
C ASN B 122 -12.71 -11.14 5.19
N SER B 123 -13.20 -10.86 6.40
CA SER B 123 -13.09 -9.54 7.02
C SER B 123 -11.66 -9.00 7.10
N LEU B 124 -10.76 -9.84 7.59
CA LEU B 124 -9.40 -9.43 7.83
C LEU B 124 -8.70 -9.09 6.50
N SER B 125 -8.94 -9.89 5.47
CA SER B 125 -8.35 -9.61 4.15
C SER B 125 -8.89 -8.33 3.55
N ALA B 126 -10.17 -8.04 3.79
CA ALA B 126 -10.76 -6.81 3.29
C ALA B 126 -10.18 -5.62 4.02
N ALA B 127 -10.03 -5.74 5.35
CA ALA B 127 -9.40 -4.67 6.14
C ALA B 127 -7.96 -4.36 5.66
N GLU B 128 -7.20 -5.39 5.36
CA GLU B 128 -5.82 -5.21 4.93
C GLU B 128 -5.73 -4.52 3.58
N LEU B 129 -6.61 -4.88 2.65
CA LEU B 129 -6.62 -4.21 1.35
C LEU B 129 -6.97 -2.72 1.51
N THR B 130 -7.95 -2.42 2.38
CA THR B 130 -8.38 -1.05 2.63
C THR B 130 -7.18 -0.27 3.12
N CYS B 131 -6.42 -0.82 4.05
CA CYS B 131 -5.22 -0.13 4.56
C CYS B 131 -4.18 0.10 3.45
N GLY B 132 -3.91 -0.92 2.66
CA GLY B 132 -3.08 -0.79 1.47
C GLY B 132 -3.51 0.31 0.54
N MET B 133 -4.82 0.41 0.30
CA MET B 133 -5.38 1.44 -0.58
CA MET B 133 -5.35 1.44 -0.59
C MET B 133 -5.14 2.84 -0.02
N ILE B 134 -5.31 3.00 1.29
CA ILE B 134 -4.99 4.31 1.95
C ILE B 134 -3.53 4.68 1.70
N MET B 135 -2.62 3.72 1.83
CA MET B 135 -1.20 4.03 1.67
CA MET B 135 -1.19 3.98 1.67
C MET B 135 -0.93 4.35 0.21
N CYS B 136 -1.57 3.63 -0.69
CA CYS B 136 -1.43 3.91 -2.13
C CYS B 136 -1.91 5.29 -2.52
N LEU B 137 -3.02 5.75 -1.93
CA LEU B 137 -3.50 7.11 -2.16
C LEU B 137 -2.55 8.17 -1.64
N ALA B 138 -1.97 7.92 -0.47
CA ALA B 138 -1.02 8.85 0.10
C ALA B 138 0.24 9.05 -0.78
N ARG B 139 0.71 8.01 -1.45
CA ARG B 139 2.00 8.05 -2.13
C ARG B 139 1.99 7.76 -3.64
N GLN B 140 0.81 7.43 -4.15
CA GLN B 140 0.58 7.12 -5.57
C GLN B 140 1.47 5.98 -6.09
N ILE B 141 1.52 4.90 -5.33
CA ILE B 141 2.39 3.78 -5.69
C ILE B 141 1.99 3.15 -7.04
N PRO B 142 0.70 2.83 -7.24
CA PRO B 142 0.30 2.27 -8.54
C PRO B 142 0.66 3.12 -9.75
N GLN B 143 0.48 4.44 -9.62
CA GLN B 143 0.80 5.33 -10.71
C GLN B 143 2.29 5.43 -10.92
N ALA B 144 3.04 5.42 -9.82
CA ALA B 144 4.49 5.53 -9.90
C ALA B 144 5.08 4.29 -10.56
N THR B 145 4.51 3.12 -10.27
CA THR B 145 4.94 1.89 -10.94
C THR B 145 4.64 1.96 -12.44
N ALA B 146 3.45 2.46 -12.79
CA ALA B 146 3.10 2.59 -14.21
C ALA B 146 4.05 3.54 -14.93
N SER B 147 4.41 4.64 -14.27
CA SER B 147 5.35 5.63 -14.78
C SER B 147 6.73 5.02 -15.05
N MET B 148 7.23 4.30 -14.04
CA MET B 148 8.51 3.62 -14.14
C MET B 148 8.52 2.62 -15.29
N LYS B 149 7.43 1.88 -15.42
CA LYS B 149 7.32 0.90 -16.50
C LYS B 149 7.25 1.51 -17.90
N ASP B 150 6.86 2.77 -18.00
CA ASP B 150 6.95 3.52 -19.27
C ASP B 150 8.33 4.13 -19.51
N GLY B 151 9.26 3.92 -18.56
CA GLY B 151 10.64 4.39 -18.69
C GLY B 151 10.85 5.76 -18.07
N LYS B 152 9.88 6.24 -17.30
CA LYS B 152 9.90 7.60 -16.78
C LYS B 152 10.53 7.56 -15.40
N TRP B 153 11.07 8.70 -14.99
CA TRP B 153 11.60 8.91 -13.64
C TRP B 153 11.04 10.26 -13.15
N GLU B 154 9.83 10.21 -12.59
CA GLU B 154 9.01 11.42 -12.36
C GLU B 154 8.96 11.80 -10.91
N ARG B 155 10.02 12.41 -10.41
CA ARG B 155 10.05 12.70 -8.99
C ARG B 155 9.01 13.75 -8.58
N LYS B 156 8.94 14.85 -9.31
CA LYS B 156 8.06 15.96 -8.91
C LYS B 156 6.60 15.56 -8.97
N LYS B 157 6.20 14.93 -10.07
CA LYS B 157 4.81 14.49 -10.20
C LYS B 157 4.28 13.74 -8.96
N PHE B 158 5.13 12.92 -8.33
CA PHE B 158 4.67 11.97 -7.32
C PHE B 158 5.01 12.33 -5.88
N MET B 159 5.26 13.63 -5.63
CA MET B 159 5.24 14.17 -4.27
C MET B 159 3.93 13.78 -3.60
N GLY B 160 4.03 13.22 -2.40
CA GLY B 160 2.89 12.71 -1.68
C GLY B 160 2.66 13.35 -0.32
N THR B 161 1.97 12.61 0.53
CA THR B 161 1.63 13.08 1.85
C THR B 161 1.89 11.99 2.86
N GLU B 162 2.25 12.42 4.06
CA GLU B 162 2.54 11.56 5.19
C GLU B 162 1.23 11.29 5.93
N LEU B 163 1.00 10.04 6.31
CA LEU B 163 -0.20 9.67 7.04
C LEU B 163 -0.21 10.12 8.50
N ASN B 164 0.96 10.12 9.13
CA ASN B 164 1.11 10.59 10.50
C ASN B 164 0.47 11.98 10.68
N GLY B 165 -0.41 12.08 11.67
CA GLY B 165 -1.10 13.31 12.00
C GLY B 165 -2.40 13.58 11.25
N LYS B 166 -2.72 12.75 10.25
CA LYS B 166 -3.91 12.97 9.43
C LYS B 166 -5.12 12.29 10.06
N THR B 167 -6.31 12.74 9.67
CA THR B 167 -7.57 12.24 10.18
C THR B 167 -8.23 11.32 9.17
N LEU B 168 -8.54 10.08 9.60
CA LEU B 168 -9.26 9.09 8.79
C LEU B 168 -10.66 8.98 9.34
N GLY B 169 -11.65 9.14 8.46
CA GLY B 169 -13.07 8.96 8.82
C GLY B 169 -13.46 7.58 8.37
N ILE B 170 -14.08 6.80 9.27
CA ILE B 170 -14.44 5.41 9.01
C ILE B 170 -15.95 5.34 9.18
N LEU B 171 -16.67 5.07 8.09
CA LEU B 171 -18.13 4.96 8.14
C LEU B 171 -18.48 3.49 8.10
N GLY B 172 -19.02 2.98 9.21
CA GLY B 172 -19.24 1.57 9.41
C GLY B 172 -18.12 1.06 10.33
N LEU B 173 -18.49 0.73 11.55
CA LEU B 173 -17.56 0.31 12.57
C LEU B 173 -17.85 -1.12 13.04
N GLY B 174 -18.22 -2.00 12.10
CA GLY B 174 -18.40 -3.40 12.39
C GLY B 174 -17.08 -4.14 12.21
N ARG B 175 -17.18 -5.32 11.60
CA ARG B 175 -16.04 -6.24 11.52
C ARG B 175 -14.80 -5.61 10.87
N ILE B 176 -15.00 -5.03 9.70
CA ILE B 176 -13.89 -4.46 8.95
C ILE B 176 -13.51 -3.10 9.47
N GLY B 177 -14.47 -2.22 9.71
CA GLY B 177 -14.13 -0.85 10.11
C GLY B 177 -13.25 -0.78 11.33
N ARG B 178 -13.53 -1.62 12.33
CA ARG B 178 -12.68 -1.57 13.52
C ARG B 178 -11.25 -2.12 13.26
N GLU B 179 -11.08 -3.04 12.31
CA GLU B 179 -9.73 -3.58 12.02
C GLU B 179 -8.91 -2.56 11.23
N VAL B 180 -9.56 -1.83 10.32
CA VAL B 180 -8.92 -0.69 9.65
C VAL B 180 -8.45 0.34 10.68
N ALA B 181 -9.29 0.63 11.68
CA ALA B 181 -8.96 1.67 12.67
C ALA B 181 -7.67 1.38 13.43
N THR B 182 -7.54 0.15 13.96
CA THR B 182 -6.38 -0.15 14.82
C THR B 182 -5.08 -0.16 13.99
N ARG B 183 -5.14 -0.65 12.76
CA ARG B 183 -3.98 -0.64 11.86
C ARG B 183 -3.56 0.78 11.55
N MET B 184 -4.53 1.62 11.21
CA MET B 184 -4.17 2.98 10.79
C MET B 184 -3.74 3.87 11.97
N GLN B 185 -4.23 3.57 13.17
CA GLN B 185 -3.76 4.24 14.40
C GLN B 185 -2.24 4.05 14.60
N SER B 186 -1.72 2.88 14.22
CA SER B 186 -0.27 2.63 14.28
C SER B 186 0.57 3.51 13.36
N PHE B 187 -0.08 4.14 12.38
CA PHE B 187 0.55 5.12 11.50
C PHE B 187 0.42 6.54 12.03
N GLY B 188 -0.17 6.68 13.22
CA GLY B 188 -0.41 7.99 13.77
C GLY B 188 -1.60 8.73 13.22
N MET B 189 -2.52 8.02 12.59
CA MET B 189 -3.75 8.65 12.11
C MET B 189 -4.77 8.80 13.23
N LYS B 190 -5.45 9.94 13.24
CA LYS B 190 -6.61 10.13 14.11
C LYS B 190 -7.80 9.43 13.44
N THR B 191 -8.47 8.53 14.15
CA THR B 191 -9.56 7.77 13.54
C THR B 191 -10.89 8.15 14.16
N ILE B 192 -11.77 8.73 13.36
CA ILE B 192 -13.08 9.15 13.80
C ILE B 192 -14.03 8.38 12.93
N GLY B 193 -15.29 8.33 13.32
CA GLY B 193 -16.26 7.62 12.49
C GLY B 193 -17.69 7.64 12.94
N TYR B 194 -18.51 6.81 12.29
CA TYR B 194 -19.94 6.81 12.54
C TYR B 194 -20.50 5.43 12.26
N ASP B 195 -21.34 4.95 13.19
CA ASP B 195 -22.08 3.73 12.98
C ASP B 195 -23.36 3.84 13.79
N PRO B 196 -24.52 3.65 13.13
CA PRO B 196 -25.79 3.77 13.87
C PRO B 196 -26.02 2.78 15.02
N ILE B 197 -25.44 1.56 14.94
CA ILE B 197 -25.65 0.49 15.94
C ILE B 197 -24.54 0.43 17.01
N ILE B 198 -23.34 0.87 16.67
CA ILE B 198 -22.21 0.71 17.57
C ILE B 198 -22.22 1.86 18.57
N SER B 199 -22.24 1.53 19.85
CA SER B 199 -22.22 2.56 20.87
C SER B 199 -20.90 3.32 20.86
N PRO B 200 -20.93 4.57 21.33
CA PRO B 200 -19.67 5.29 21.52
C PRO B 200 -18.67 4.54 22.39
N GLU B 201 -19.19 3.74 23.33
CA GLU B 201 -18.33 3.06 24.28
C GLU B 201 -17.60 1.90 23.61
N VAL B 202 -18.32 1.19 22.75
CA VAL B 202 -17.69 0.11 22.00
C VAL B 202 -16.62 0.68 21.05
N SER B 203 -16.93 1.75 20.31
CA SER B 203 -15.94 2.33 19.38
C SER B 203 -14.74 2.93 20.12
N ALA B 204 -14.95 3.52 21.30
CA ALA B 204 -13.83 4.03 22.09
C ALA B 204 -12.84 2.92 22.42
N SER B 205 -13.34 1.69 22.59
CA SER B 205 -12.47 0.57 22.96
C SER B 205 -11.48 0.19 21.85
N PHE B 206 -11.75 0.60 20.61
CA PHE B 206 -10.79 0.48 19.51
C PHE B 206 -10.38 1.83 18.95
N GLY B 207 -10.43 2.85 19.82
CA GLY B 207 -9.84 4.15 19.52
C GLY B 207 -10.53 4.98 18.45
N VAL B 208 -11.82 4.73 18.21
CA VAL B 208 -12.58 5.54 17.24
C VAL B 208 -13.58 6.44 17.97
N GLN B 209 -13.41 7.75 17.82
CA GLN B 209 -14.35 8.73 18.33
C GLN B 209 -15.51 8.85 17.36
N GLN B 210 -16.73 8.58 17.81
CA GLN B 210 -17.89 8.79 16.96
C GLN B 210 -18.39 10.20 17.04
N LEU B 211 -18.80 10.72 15.88
CA LEU B 211 -19.41 12.05 15.74
C LEU B 211 -20.58 11.91 14.75
N PRO B 212 -21.48 12.90 14.72
CA PRO B 212 -22.48 12.90 13.66
C PRO B 212 -21.83 13.12 12.29
N LEU B 213 -22.40 12.60 11.20
CA LEU B 213 -21.79 12.75 9.89
C LEU B 213 -21.41 14.17 9.52
N GLU B 214 -22.31 15.09 9.83
CA GLU B 214 -22.09 16.48 9.50
C GLU B 214 -20.80 17.05 10.10
N GLU B 215 -20.37 16.52 11.25
CA GLU B 215 -19.13 16.95 11.88
C GLU B 215 -17.91 16.21 11.34
N ILE B 216 -18.14 15.05 10.72
CA ILE B 216 -17.05 14.25 10.24
C ILE B 216 -16.47 14.82 8.96
N TRP B 217 -17.35 15.21 8.03
CA TRP B 217 -16.90 15.62 6.69
C TRP B 217 -15.75 16.61 6.69
N PRO B 218 -15.92 17.77 7.39
CA PRO B 218 -14.88 18.81 7.32
C PRO B 218 -13.57 18.46 8.04
N LEU B 219 -13.54 17.36 8.78
CA LEU B 219 -12.35 16.98 9.54
C LEU B 219 -11.42 16.02 8.79
N CYS B 220 -11.91 15.29 7.79
CA CYS B 220 -11.17 14.18 7.27
C CYS B 220 -10.20 14.51 6.14
N ASP B 221 -9.03 13.91 6.22
CA ASP B 221 -8.06 13.88 5.12
C ASP B 221 -8.32 12.70 4.26
N PHE B 222 -8.77 11.63 4.91
CA PHE B 222 -9.14 10.38 4.25
C PHE B 222 -10.47 9.89 4.78
N ILE B 223 -11.29 9.27 3.90
CA ILE B 223 -12.59 8.65 4.24
C ILE B 223 -12.66 7.24 3.67
N THR B 224 -13.06 6.29 4.50
CA THR B 224 -13.22 4.93 4.07
C THR B 224 -14.59 4.40 4.50
N VAL B 225 -15.27 3.66 3.62
CA VAL B 225 -16.60 3.16 3.90
C VAL B 225 -16.62 1.64 4.11
N HIS B 226 -17.26 1.23 5.19
CA HIS B 226 -17.38 -0.19 5.54
C HIS B 226 -18.76 -0.56 6.04
N THR B 227 -19.77 -0.22 5.24
CA THR B 227 -21.17 -0.45 5.54
C THR B 227 -21.72 -1.46 4.55
N PRO B 228 -22.86 -2.04 4.89
CA PRO B 228 -23.62 -2.78 3.87
C PRO B 228 -24.14 -1.83 2.81
N LEU B 229 -24.56 -2.35 1.67
CA LEU B 229 -25.25 -1.53 0.69
C LEU B 229 -26.75 -1.59 0.96
N LEU B 230 -27.33 -0.44 1.31
CA LEU B 230 -28.74 -0.31 1.67
C LEU B 230 -29.23 1.00 1.07
N PRO B 231 -30.56 1.20 0.98
CA PRO B 231 -30.99 2.55 0.56
C PRO B 231 -30.33 3.68 1.35
N SER B 232 -30.21 3.49 2.66
CA SER B 232 -29.65 4.50 3.55
C SER B 232 -28.15 4.68 3.39
N THR B 233 -27.44 3.76 2.72
CA THR B 233 -26.02 3.95 2.49
C THR B 233 -25.64 4.16 1.02
N THR B 234 -26.62 4.21 0.12
CA THR B 234 -26.35 4.46 -1.29
C THR B 234 -26.11 5.94 -1.47
N GLY B 235 -24.95 6.29 -1.99
CA GLY B 235 -24.57 7.69 -2.07
C GLY B 235 -24.34 8.29 -0.70
N LEU B 236 -23.88 7.47 0.24
CA LEU B 236 -23.40 7.95 1.54
C LEU B 236 -22.43 9.11 1.31
N LEU B 237 -21.51 8.94 0.36
CA LEU B 237 -20.75 10.07 -0.19
CA LEU B 237 -20.73 10.06 -0.20
C LEU B 237 -21.36 10.42 -1.53
N ASN B 238 -21.81 11.67 -1.64
CA ASN B 238 -22.40 12.14 -2.90
C ASN B 238 -22.09 13.63 -3.07
N ASP B 239 -22.75 14.34 -3.98
CA ASP B 239 -22.33 15.74 -4.21
C ASP B 239 -22.47 16.61 -2.98
N ASN B 240 -23.54 16.35 -2.21
CA ASN B 240 -23.83 17.10 -1.02
C ASN B 240 -22.80 16.89 0.08
N THR B 241 -22.35 15.64 0.23
CA THR B 241 -21.39 15.37 1.26
C THR B 241 -19.97 15.73 0.82
N PHE B 242 -19.63 15.52 -0.46
CA PHE B 242 -18.34 16.03 -0.98
C PHE B 242 -18.19 17.52 -0.78
N ALA B 243 -19.30 18.27 -0.92
CA ALA B 243 -19.28 19.71 -0.74
C ALA B 243 -18.84 20.10 0.66
N GLN B 244 -19.06 19.23 1.63
CA GLN B 244 -18.79 19.50 3.04
C GLN B 244 -17.41 19.03 3.48
N CYS B 245 -16.77 18.25 2.63
CA CYS B 245 -15.42 17.74 2.89
C CYS B 245 -14.35 18.80 2.73
N LYS B 246 -13.19 18.49 3.30
CA LYS B 246 -11.99 19.28 3.15
C LYS B 246 -11.50 19.17 1.70
N LYS B 247 -11.11 20.28 1.08
CA LYS B 247 -10.64 20.21 -0.31
C LYS B 247 -9.39 19.34 -0.37
N GLY B 248 -9.41 18.34 -1.23
CA GLY B 248 -8.29 17.40 -1.39
C GLY B 248 -8.46 16.09 -0.61
N VAL B 249 -9.67 15.83 -0.13
CA VAL B 249 -9.94 14.60 0.60
C VAL B 249 -9.67 13.41 -0.32
N ARG B 250 -9.19 12.32 0.27
CA ARG B 250 -8.94 11.08 -0.42
C ARG B 250 -9.92 10.04 0.10
N VAL B 251 -10.55 9.27 -0.81
CA VAL B 251 -11.58 8.32 -0.39
CA VAL B 251 -11.63 8.36 -0.47
C VAL B 251 -11.33 6.91 -0.87
N VAL B 252 -11.76 5.95 -0.06
CA VAL B 252 -11.58 4.54 -0.33
C VAL B 252 -12.96 3.88 -0.29
N ASN B 253 -13.28 3.11 -1.32
CA ASN B 253 -14.42 2.22 -1.25
C ASN B 253 -14.02 0.77 -1.57
N CYS B 254 -13.82 0.00 -0.52
CA CYS B 254 -13.64 -1.46 -0.58
C CYS B 254 -14.83 -2.16 0.06
N ALA B 255 -16.00 -1.52 0.04
CA ALA B 255 -17.22 -2.11 0.58
C ALA B 255 -18.15 -2.64 -0.54
N ARG B 256 -19.01 -1.79 -1.06
CA ARG B 256 -19.92 -2.14 -2.16
C ARG B 256 -20.04 -0.98 -3.10
N GLY B 257 -20.16 -1.28 -4.39
CA GLY B 257 -20.26 -0.22 -5.37
C GLY B 257 -21.52 0.57 -5.11
N GLY B 258 -21.44 1.89 -5.15
CA GLY B 258 -22.64 2.71 -5.00
C GLY B 258 -22.74 3.43 -3.67
N ILE B 259 -21.99 2.95 -2.66
CA ILE B 259 -21.95 3.64 -1.38
C ILE B 259 -21.29 5.01 -1.55
N VAL B 260 -20.24 5.07 -2.36
CA VAL B 260 -19.75 6.34 -2.90
C VAL B 260 -20.42 6.51 -4.26
N ASP B 261 -21.14 7.62 -4.44
CA ASP B 261 -21.85 7.83 -5.70
C ASP B 261 -20.78 8.11 -6.77
N GLU B 262 -20.80 7.31 -7.83
CA GLU B 262 -19.74 7.31 -8.83
C GLU B 262 -19.73 8.58 -9.66
N GLY B 263 -20.91 9.10 -10.00
CA GLY B 263 -20.96 10.39 -10.68
C GLY B 263 -20.45 11.56 -9.84
N ALA B 264 -20.79 11.56 -8.56
CA ALA B 264 -20.36 12.59 -7.63
C ALA B 264 -18.86 12.52 -7.45
N LEU B 265 -18.35 11.29 -7.36
CA LEU B 265 -16.93 11.08 -7.18
C LEU B 265 -16.17 11.64 -8.37
N LEU B 266 -16.66 11.38 -9.58
CA LEU B 266 -15.96 11.89 -10.74
C LEU B 266 -15.97 13.42 -10.72
N ARG B 267 -17.11 14.04 -10.40
CA ARG B 267 -17.17 15.49 -10.33
C ARG B 267 -16.18 16.05 -9.27
N ALA B 268 -16.04 15.33 -8.16
CA ALA B 268 -15.13 15.76 -7.10
C ALA B 268 -13.66 15.65 -7.52
N LEU B 269 -13.35 14.59 -8.24
CA LEU B 269 -12.00 14.39 -8.77
C LEU B 269 -11.66 15.47 -9.80
N GLN B 270 -12.63 15.81 -10.64
CA GLN B 270 -12.49 16.82 -11.69
C GLN B 270 -12.20 18.22 -11.14
N SER B 271 -12.80 18.57 -10.01
CA SER B 271 -12.63 19.92 -9.45
C SER B 271 -11.46 20.01 -8.49
N GLY B 272 -10.98 18.86 -8.04
CA GLY B 272 -9.90 18.81 -7.04
C GLY B 272 -10.44 18.72 -5.63
N GLN B 273 -11.75 18.77 -5.50
CA GLN B 273 -12.37 18.58 -4.19
C GLN B 273 -11.95 17.24 -3.59
N CYS B 274 -11.88 16.19 -4.42
CA CYS B 274 -11.25 14.92 -4.06
C CYS B 274 -9.93 14.84 -4.83
N ALA B 275 -8.85 14.60 -4.10
CA ALA B 275 -7.53 14.50 -4.71
C ALA B 275 -7.22 13.10 -5.23
N GLY B 276 -7.98 12.10 -4.80
CA GLY B 276 -7.79 10.71 -5.25
C GLY B 276 -8.75 9.76 -4.61
N ALA B 277 -8.96 8.61 -5.26
CA ALA B 277 -9.84 7.58 -4.76
C ALA B 277 -9.33 6.21 -5.11
N ALA B 278 -9.69 5.25 -4.30
CA ALA B 278 -9.27 3.86 -4.47
C ALA B 278 -10.54 3.03 -4.42
N LEU B 279 -10.81 2.28 -5.47
CA LEU B 279 -12.08 1.59 -5.62
C LEU B 279 -11.84 0.11 -5.88
N ASP B 280 -12.29 -0.75 -4.97
CA ASP B 280 -12.32 -2.22 -5.18
C ASP B 280 -13.65 -2.68 -5.76
N VAL B 281 -14.65 -1.81 -5.73
CA VAL B 281 -16.02 -2.23 -6.00
C VAL B 281 -16.73 -1.18 -6.83
N PHE B 282 -17.70 -1.62 -7.64
CA PHE B 282 -18.40 -0.75 -8.58
C PHE B 282 -19.88 -1.09 -8.69
N THR B 283 -20.69 -0.11 -9.07
CA THR B 283 -22.14 -0.37 -9.18
C THR B 283 -22.44 -1.43 -10.21
N GLU B 284 -21.56 -1.56 -11.20
CA GLU B 284 -21.59 -2.66 -12.14
C GLU B 284 -20.21 -3.33 -12.19
N GLU B 285 -20.16 -4.66 -12.14
CA GLU B 285 -18.88 -5.38 -12.13
C GLU B 285 -18.80 -6.51 -13.16
N PRO B 286 -17.94 -6.38 -14.18
CA PRO B 286 -17.02 -5.28 -14.41
C PRO B 286 -17.76 -4.05 -14.85
N PRO B 287 -17.22 -2.86 -14.52
CA PRO B 287 -17.93 -1.65 -14.90
C PRO B 287 -17.83 -1.36 -16.38
N ARG B 288 -18.94 -0.89 -16.96
CA ARG B 288 -18.97 -0.56 -18.37
C ARG B 288 -18.57 0.90 -18.57
N ASP B 289 -18.88 1.74 -17.58
CA ASP B 289 -18.45 3.14 -17.58
C ASP B 289 -17.01 3.18 -17.05
N ARG B 290 -16.10 3.71 -17.86
CA ARG B 290 -14.66 3.67 -17.56
C ARG B 290 -14.05 4.99 -17.09
N ALA B 291 -14.87 6.04 -16.98
CA ALA B 291 -14.40 7.37 -16.61
C ALA B 291 -13.63 7.41 -15.28
N LEU B 292 -14.16 6.76 -14.24
CA LEU B 292 -13.47 6.69 -12.96
C LEU B 292 -12.20 5.87 -13.04
N VAL B 293 -12.29 4.63 -13.54
CA VAL B 293 -11.13 3.75 -13.64
C VAL B 293 -10.00 4.44 -14.42
N ASP B 294 -10.38 5.16 -15.47
CA ASP B 294 -9.38 5.80 -16.32
C ASP B 294 -8.78 7.09 -15.75
N HIS B 295 -9.33 7.61 -14.66
CA HIS B 295 -8.86 8.87 -14.11
C HIS B 295 -7.48 8.64 -13.46
N GLU B 296 -6.58 9.60 -13.70
CA GLU B 296 -5.20 9.57 -13.24
CA GLU B 296 -5.20 9.49 -13.24
C GLU B 296 -5.06 9.37 -11.72
N ASN B 297 -6.04 9.90 -10.98
CA ASN B 297 -6.00 9.89 -9.52
C ASN B 297 -6.81 8.77 -8.89
N VAL B 298 -7.26 7.82 -9.71
CA VAL B 298 -8.04 6.71 -9.22
C VAL B 298 -7.22 5.43 -9.32
N ILE B 299 -7.16 4.72 -8.19
CA ILE B 299 -6.54 3.42 -8.05
C ILE B 299 -7.68 2.42 -7.98
N SER B 300 -7.53 1.26 -8.60
CA SER B 300 -8.61 0.30 -8.62
C SER B 300 -8.11 -1.11 -8.65
N CYS B 301 -9.03 -2.00 -8.28
CA CYS B 301 -8.82 -3.46 -8.28
CA CYS B 301 -8.79 -3.43 -8.43
C CYS B 301 -10.11 -4.13 -8.72
N PRO B 302 -10.03 -5.33 -9.29
CA PRO B 302 -11.25 -6.02 -9.61
C PRO B 302 -11.89 -6.78 -8.44
N HIS B 303 -12.35 -6.03 -7.45
CA HIS B 303 -13.04 -6.61 -6.29
C HIS B 303 -12.19 -7.71 -5.66
N LEU B 304 -10.98 -7.35 -5.24
CA LEU B 304 -10.00 -8.28 -4.64
C LEU B 304 -10.01 -8.31 -3.12
N GLY B 305 -10.99 -7.67 -2.49
CA GLY B 305 -11.04 -7.60 -1.02
C GLY B 305 -10.93 -8.95 -0.31
N ALA B 306 -11.51 -10.00 -0.86
CA ALA B 306 -11.42 -11.30 -0.20
C ALA B 306 -10.48 -12.27 -0.94
N SER B 307 -9.73 -11.73 -1.90
CA SER B 307 -8.86 -12.51 -2.76
C SER B 307 -7.48 -12.75 -2.13
N THR B 308 -7.49 -13.55 -1.06
CA THR B 308 -6.28 -14.05 -0.48
C THR B 308 -6.51 -15.54 -0.23
N LYS B 309 -5.43 -16.30 -0.25
CA LYS B 309 -5.54 -17.73 -0.04
C LYS B 309 -6.27 -18.00 1.28
N GLU B 310 -5.91 -17.21 2.29
CA GLU B 310 -6.40 -17.41 3.64
C GLU B 310 -7.90 -17.12 3.78
N ALA B 311 -8.32 -15.96 3.30
CA ALA B 311 -9.75 -15.59 3.30
C ALA B 311 -10.56 -16.63 2.54
N GLN B 312 -10.02 -17.06 1.39
CA GLN B 312 -10.75 -18.04 0.58
C GLN B 312 -10.84 -19.40 1.31
N SER B 313 -9.81 -19.75 2.06
CA SER B 313 -9.83 -21.00 2.82
C SER B 313 -10.90 -20.86 3.91
N ARG B 314 -10.91 -19.71 4.58
CA ARG B 314 -11.89 -19.52 5.68
C ARG B 314 -13.34 -19.49 5.19
N CYS B 315 -13.59 -18.81 4.08
CA CYS B 315 -14.97 -18.78 3.51
C CYS B 315 -15.43 -20.10 2.98
N GLY B 316 -14.52 -20.85 2.33
CA GLY B 316 -14.85 -22.19 1.84
C GLY B 316 -15.26 -23.12 2.97
N GLU B 317 -14.51 -23.09 4.06
CA GLU B 317 -14.88 -23.85 5.27
C GLU B 317 -16.24 -23.37 5.84
N GLU B 318 -16.37 -22.05 6.03
CA GLU B 318 -17.57 -21.43 6.63
C GLU B 318 -18.86 -21.89 5.94
N ILE B 319 -18.88 -21.84 4.62
CA ILE B 319 -20.06 -22.26 3.87
C ILE B 319 -20.24 -23.78 3.90
N ALA B 320 -19.14 -24.54 3.86
CA ALA B 320 -19.24 -26.01 3.82
C ALA B 320 -19.82 -26.56 5.11
N VAL B 321 -19.36 -26.01 6.24
CA VAL B 321 -19.80 -26.41 7.58
C VAL B 321 -21.31 -26.17 7.74
N GLN B 322 -21.81 -25.11 7.12
CA GLN B 322 -23.23 -24.78 7.19
C GLN B 322 -24.05 -25.80 6.42
N PHE B 323 -23.54 -26.23 5.27
CA PHE B 323 -24.15 -27.32 4.51
C PHE B 323 -24.10 -28.64 5.28
N VAL B 324 -23.02 -28.91 6.02
CA VAL B 324 -22.94 -30.17 6.78
C VAL B 324 -23.88 -30.11 7.99
N ASP B 325 -23.91 -28.96 8.67
CA ASP B 325 -24.70 -28.81 9.90
C ASP B 325 -26.19 -29.08 9.73
N MET B 326 -26.76 -28.75 8.57
CA MET B 326 -28.10 -29.26 8.28
C MET B 326 -27.90 -30.76 8.16
N VAL B 327 -28.33 -31.44 9.23
CA VAL B 327 -27.88 -32.78 9.65
C VAL B 327 -27.18 -33.60 8.56
C1 MLT C . 16.98 10.11 0.82
O1 MLT C . 17.27 9.02 0.28
O2 MLT C . 17.43 10.46 1.92
C2 MLT C . 16.05 11.06 0.15
O3 MLT C . 15.10 10.36 -0.59
C3 MLT C . 16.90 11.95 -0.76
C4 MLT C . 16.01 12.80 -1.62
O4 MLT C . 16.29 12.95 -2.83
O5 MLT C . 15.02 13.37 -1.12
PA NAD D . 19.93 4.61 10.73
O1A NAD D . 21.35 5.08 10.68
O2A NAD D . 19.06 5.19 11.74
O5B NAD D . 19.89 3.01 10.87
C5B NAD D . 20.70 2.20 10.05
C4B NAD D . 20.95 0.92 10.78
O4B NAD D . 21.50 0.01 9.86
C3B NAD D . 21.92 1.09 11.96
O3B NAD D . 21.25 0.82 13.21
C2B NAD D . 23.05 0.13 11.63
O2B NAD D . 23.65 -0.54 12.73
C1B NAD D . 22.34 -0.80 10.66
N9A NAD D . 23.26 -1.65 9.95
C8A NAD D . 24.51 -1.36 9.48
N7A NAD D . 24.98 -2.47 8.89
C5A NAD D . 24.09 -3.46 9.00
C6A NAD D . 24.08 -4.80 8.60
N6A NAD D . 25.13 -5.33 7.95
N1A NAD D . 22.97 -5.56 8.82
C2A NAD D . 21.89 -5.04 9.50
N3A NAD D . 21.91 -3.74 9.90
C4A NAD D . 22.99 -2.95 9.64
O3 NAD D . 19.41 4.89 9.23
PN NAD D . 17.87 5.15 8.78
O1N NAD D . 17.57 6.57 8.94
O2N NAD D . 17.02 4.11 9.40
O5D NAD D . 18.03 4.88 7.22
C5D NAD D . 17.99 3.58 6.66
C4D NAD D . 18.32 3.59 5.17
O4D NAD D . 17.23 4.19 4.45
C3D NAD D . 19.54 4.39 4.77
O3D NAD D . 20.15 3.75 3.68
C2D NAD D . 18.99 5.74 4.33
O2D NAD D . 19.85 6.43 3.45
C1D NAD D . 17.74 5.25 3.62
N1N NAD D . 16.69 6.25 3.34
C2N NAD D . 16.05 6.13 2.15
C3N NAD D . 15.04 6.98 1.80
C7N NAD D . 14.38 6.84 0.47
O7N NAD D . 13.89 8.01 -0.04
N7N NAD D . 14.17 5.68 -0.16
C4N NAD D . 14.67 7.97 2.71
C5N NAD D . 15.29 8.05 3.97
C6N NAD D . 16.31 7.16 4.28
C1 MLT E . -17.20 -10.06 -0.73
O1 MLT E . -17.67 -10.45 0.36
O2 MLT E . -17.53 -8.96 -1.20
C2 MLT E . -16.22 -10.92 -1.49
O3 MLT E . -15.25 -10.09 -2.10
C3 MLT E . -17.01 -11.72 -2.53
C4 MLT E . -16.04 -12.51 -3.37
O4 MLT E . -15.12 -13.15 -2.82
O5 MLT E . -16.14 -12.50 -4.62
PA NAD F . -20.55 -5.61 9.37
O1A NAD F . -21.98 -5.91 9.28
O2A NAD F . -19.79 -6.27 10.46
O5B NAD F . -20.48 -4.07 9.69
C5B NAD F . -21.21 -3.14 8.92
C4B NAD F . -21.55 -1.96 9.80
O4B NAD F . -22.09 -0.96 8.95
C3B NAD F . -22.61 -2.28 10.89
O3B NAD F . -22.05 -2.06 12.20
C2B NAD F . -23.76 -1.32 10.53
O2B NAD F . -24.39 -0.68 11.61
C1B NAD F . -23.00 -0.25 9.74
N9A NAD F . -23.87 0.70 9.04
C8A NAD F . -25.10 0.48 8.47
N7A NAD F . -25.55 1.66 7.98
C5A NAD F . -24.64 2.63 8.25
C6A NAD F . -24.60 3.99 7.95
N6A NAD F . -25.61 4.60 7.32
N1A NAD F . -23.51 4.73 8.38
C2A NAD F . -22.46 4.11 9.03
N3A NAD F . -22.51 2.75 9.28
C4A NAD F . -23.58 2.04 8.91
O3 NAD F . -19.97 -5.67 7.91
PN NAD F . -18.42 -5.91 7.55
O1N NAD F . -18.15 -7.37 7.48
O2N NAD F . -17.55 -5.02 8.33
O5D NAD F . -18.50 -5.56 5.98
C5D NAD F . -18.57 -4.21 5.61
C4D NAD F . -18.78 -4.06 4.10
O4D NAD F . -17.68 -4.59 3.38
C3D NAD F . -20.00 -4.79 3.55
O3D NAD F . -20.60 -4.02 2.52
C2D NAD F . -19.40 -6.07 2.97
O2D NAD F . -20.20 -6.72 2.01
C1D NAD F . -18.12 -5.49 2.40
N1N NAD F . -17.06 -6.46 2.11
C2N NAD F . -16.33 -6.26 0.97
C3N NAD F . -15.30 -7.10 0.65
C7N NAD F . -14.57 -6.85 -0.63
O7N NAD F . -14.05 -7.91 -1.29
N7N NAD F . -14.39 -5.62 -1.12
C4N NAD F . -14.99 -8.18 1.48
C5N NAD F . -15.70 -8.35 2.66
C6N NAD F . -16.73 -7.46 2.97
#